data_4M5Z
#
_entry.id   4M5Z
#
_cell.length_a   67.549
_cell.length_b   67.549
_cell.length_c   259.640
_cell.angle_alpha   90.00
_cell.angle_beta   90.00
_cell.angle_gamma   120.00
#
_symmetry.space_group_name_H-M   'P 31 2 1'
#
loop_
_entity.id
_entity.type
_entity.pdbx_description
1 polymer 'Hemagglutinin HA1 chain'
2 polymer 'Fab 5J8 heavy chain'
3 polymer 'Fab 5J8 light chain'
4 water water
#
loop_
_entity_poly.entity_id
_entity_poly.type
_entity_poly.pdbx_seq_one_letter_code
_entity_poly.pdbx_strand_id
1 'polypeptide(L)'
;GVAPLHLGKCNIAGWILGNPECESLSTASSWSYIVETPSSDNGTCYPGDFIDYEELREQLSSVSSFERFEIFPKTSSWPN
HDSNKGVTAACPHAGAKSFYKNLIWLVKKGNSYPKLSKSYINDKGKEVLVLWGIHHPSTSADQQSLYQNADAYVFVGSSR
YSKKFKPEIAIRPKVRDQEGRMNYYWTLVEPGDKITFEATGNLVVPRYAFAMERNAGSGIIIS
;
A
2 'polypeptide(L)'
;EVQLVESGPGLVKPSDILSLTCAVSGYSISSNYYWGWIRQPPGKGLEWIGSIYHSGSTYYKPSLESRLGISVDTSKNQFS
LKLSFVSAADTAVYYCARHVRSGYPDTAYYFDKWGQGTLVTVSSASTKGPSVFPLAPSSKSTSGGTAALGCLVKDYFPEP
VTVSWNSGALTSGVHTFPAVLQSSGLYSLSSVVTVPSSSLGTQTYICNVNHKPSNTKVDKRVEPKSCHHHHHH
;
H
3 'polypeptide(L)'
;SYVLTQPPSVSVAPGETARISCGGNNIGTKVLHWYQQTPGQAPVLVVYDDSDRPSGIPERFSGSNSGNTATLTISRVEVG
DEADYYCQVWDISTDQAVFGGGTKLTVLGQPKAAPSVTLFPPSSEELQANKATLVCLISDFYPGAVTVAWKADSSPVKAG
VETTTPSKQSNNKYAASSYLSLTPEQWKSHRSYSCQVTHEGSTVEKTVAPTECS
;
L
#
# COMPACT_ATOMS: atom_id res chain seq x y z
N GLY A 1 -9.87 41.89 43.88
CA GLY A 1 -11.30 42.15 43.92
C GLY A 1 -12.15 41.25 43.03
N VAL A 2 -11.50 40.38 42.25
CA VAL A 2 -12.20 39.47 41.30
C VAL A 2 -11.85 38.01 41.60
N ALA A 3 -12.76 37.08 41.32
CA ALA A 3 -12.48 35.65 41.48
C ALA A 3 -11.28 35.18 40.64
N PRO A 4 -10.58 34.14 41.11
CA PRO A 4 -9.43 33.66 40.33
C PRO A 4 -9.87 32.86 39.10
N LEU A 5 -8.93 32.72 38.16
CA LEU A 5 -9.11 31.90 36.97
C LEU A 5 -8.53 30.53 37.25
N HIS A 6 -9.40 29.52 37.26
CA HIS A 6 -9.01 28.14 37.50
C HIS A 6 -8.78 27.44 36.17
N LEU A 7 -7.56 26.94 35.96
CA LEU A 7 -7.17 26.25 34.71
C LEU A 7 -7.22 24.73 34.82
N GLY A 8 -7.77 24.25 35.93
CA GLY A 8 -7.95 22.84 36.15
C GLY A 8 -6.71 22.05 35.88
N LYS A 9 -6.82 21.07 34.98
CA LYS A 9 -5.70 20.18 34.76
C LYS A 9 -4.66 20.78 33.80
N CYS A 10 -4.89 22.00 33.32
CA CYS A 10 -3.98 22.64 32.39
C CYS A 10 -3.02 23.61 33.07
N ASN A 11 -1.98 24.01 32.35
CA ASN A 11 -1.12 25.09 32.80
C ASN A 11 -1.39 26.27 31.88
N ILE A 12 -0.66 27.34 32.06
CA ILE A 12 -0.98 28.54 31.31
C ILE A 12 -0.70 28.37 29.81
N ALA A 13 0.42 27.75 29.49
CA ALA A 13 0.81 27.55 28.10
C ALA A 13 -0.25 26.81 27.27
N GLY A 14 -0.78 25.72 27.82
CA GLY A 14 -1.76 24.92 27.11
C GLY A 14 -3.09 25.64 26.96
N TRP A 15 -3.45 26.37 28.01
CA TRP A 15 -4.67 27.15 28.01
C TRP A 15 -4.61 28.21 26.93
N ILE A 16 -3.52 28.97 26.93
CA ILE A 16 -3.43 30.15 26.06
C ILE A 16 -3.13 29.80 24.60
N LEU A 17 -2.45 28.68 24.38
CA LEU A 17 -2.22 28.22 23.00
C LEU A 17 -3.48 27.56 22.51
N GLY A 18 -4.27 27.02 23.43
CA GLY A 18 -5.50 26.37 23.07
C GLY A 18 -5.34 24.87 22.81
N ASN A 19 -4.45 24.23 23.56
CA ASN A 19 -4.36 22.79 23.62
C ASN A 19 -5.75 22.20 23.69
N PRO A 20 -6.13 21.37 22.72
CA PRO A 20 -7.53 20.92 22.63
C PRO A 20 -8.10 20.35 23.94
N GLU A 21 -7.25 19.75 24.78
CA GLU A 21 -7.65 19.31 26.11
C GLU A 21 -8.13 20.44 27.05
N CYS A 22 -7.71 21.67 26.74
CA CYS A 22 -7.99 22.82 27.59
C CYS A 22 -9.25 23.55 27.13
N GLU A 23 -10.36 22.80 27.09
CA GLU A 23 -11.62 23.26 26.52
C GLU A 23 -11.43 23.64 25.07
N THR A 27 -13.53 30.50 30.76
CA THR A 27 -13.61 31.85 30.20
C THR A 27 -13.76 32.85 31.35
N ALA A 28 -13.62 34.13 31.01
CA ALA A 28 -13.82 35.27 31.91
C ALA A 28 -13.22 36.41 31.16
N SER A 29 -13.44 37.61 31.67
CA SER A 29 -12.80 38.80 31.14
C SER A 29 -11.91 39.41 32.21
N SER A 30 -11.89 38.80 33.39
CA SER A 30 -11.14 39.34 34.52
C SER A 30 -10.82 38.29 35.58
N TRP A 31 -9.67 38.44 36.21
CA TRP A 31 -9.30 37.57 37.32
C TRP A 31 -8.17 38.18 38.11
N SER A 32 -8.05 37.76 39.36
CA SER A 32 -7.09 38.35 40.28
C SER A 32 -5.82 37.52 40.34
N TYR A 33 -5.94 36.22 40.05
CA TYR A 33 -4.78 35.34 39.85
C TYR A 33 -5.20 34.02 39.19
N ILE A 34 -4.22 33.25 38.75
CA ILE A 34 -4.50 32.03 38.00
C ILE A 34 -4.14 30.82 38.84
N VAL A 35 -5.08 29.88 38.97
CA VAL A 35 -4.77 28.62 39.63
C VAL A 35 -4.52 27.52 38.60
N GLU A 36 -3.40 26.82 38.79
CA GLU A 36 -2.75 26.03 37.75
C GLU A 36 -2.35 24.67 38.32
N THR A 37 -2.01 23.73 37.44
CA THR A 37 -1.30 22.53 37.84
C THR A 37 0.00 22.43 37.04
N SER A 40 2.22 19.68 36.05
CA SER A 40 2.22 20.55 34.88
C SER A 40 2.30 19.72 33.60
N ASP A 41 1.14 19.24 33.13
CA ASP A 41 1.08 18.13 32.17
C ASP A 41 0.53 18.45 30.76
N ASN A 42 -0.70 18.97 30.71
CA ASN A 42 -1.27 19.47 29.47
C ASN A 42 -0.90 20.94 29.25
N GLY A 43 0.28 21.11 28.68
CA GLY A 43 0.80 22.40 28.31
C GLY A 43 1.00 22.32 26.82
N THR A 44 2.26 22.33 26.41
CA THR A 44 2.56 22.24 25.00
C THR A 44 2.62 20.77 24.56
N CYS A 45 1.50 20.29 24.02
CA CYS A 45 1.40 18.92 23.58
C CYS A 45 2.39 18.62 22.44
N TYR A 46 2.73 19.63 21.66
CA TYR A 46 3.81 19.46 20.70
C TYR A 46 5.13 19.99 21.25
N PRO A 47 6.10 19.09 21.46
CA PRO A 47 7.36 19.41 22.12
C PRO A 47 8.14 20.55 21.45
N GLY A 48 8.70 21.40 22.31
CA GLY A 48 9.55 22.49 21.91
C GLY A 48 9.61 23.50 23.03
N ASP A 49 10.15 24.68 22.72
CA ASP A 49 10.37 25.69 23.76
C ASP A 49 9.41 26.86 23.65
N PHE A 50 8.99 27.38 24.81
CA PHE A 50 8.10 28.51 24.85
C PHE A 50 8.96 29.72 25.25
N ILE A 51 9.20 30.60 24.28
CA ILE A 51 10.18 31.67 24.46
C ILE A 51 9.64 32.80 25.33
N ASP A 52 10.39 33.15 26.38
CA ASP A 52 9.96 34.14 27.38
C ASP A 52 8.63 33.72 27.97
N TYR A 53 8.51 32.45 28.31
CA TYR A 53 7.28 31.94 28.94
C TYR A 53 7.03 32.65 30.26
N GLU A 54 8.10 32.92 31.00
CA GLU A 54 7.95 33.46 32.34
C GLU A 54 7.28 34.82 32.33
N GLU A 55 7.72 35.70 31.44
CA GLU A 55 7.14 37.03 31.33
C GLU A 55 5.67 36.94 30.94
N LEU A 56 5.31 35.92 30.18
CA LEU A 56 3.92 35.75 29.77
C LEU A 56 3.04 35.38 30.97
N ARG A 57 3.55 34.53 31.86
CA ARG A 57 2.84 34.22 33.11
C ARG A 57 2.58 35.47 33.95
N GLU A 58 3.63 36.21 34.32
CA GLU A 58 3.49 37.46 35.05
C GLU A 58 2.52 38.40 34.32
N GLN A 59 2.65 38.48 33.00
CA GLN A 59 1.79 39.35 32.20
C GLN A 59 0.31 38.95 32.27
N LEU A 60 0.07 37.66 32.47
CA LEU A 60 -1.30 37.12 32.52
C LEU A 60 -1.84 36.90 33.95
N SER A 61 -1.00 37.13 34.96
CA SER A 61 -1.39 36.84 36.34
C SER A 61 -2.60 37.64 36.78
N SER A 62 -2.70 38.90 36.34
CA SER A 62 -3.83 39.73 36.75
C SER A 62 -4.26 40.69 35.66
N VAL A 63 -5.53 40.60 35.31
CA VAL A 63 -6.08 41.19 34.10
C VAL A 63 -7.47 41.72 34.40
N SER A 64 -7.91 42.75 33.68
CA SER A 64 -9.21 43.37 33.94
C SER A 64 -10.15 43.30 32.74
N SER A 65 -9.57 43.07 31.56
CA SER A 65 -10.35 42.97 30.32
C SER A 65 -9.71 41.86 29.49
N PHE A 66 -10.50 40.92 28.97
CA PHE A 66 -9.93 39.77 28.26
C PHE A 66 -10.91 39.14 27.28
N GLU A 67 -10.62 39.36 26.01
CA GLU A 67 -11.50 38.92 24.94
C GLU A 67 -10.67 38.11 23.91
N ARG A 68 -11.11 36.88 23.63
CA ARG A 68 -10.52 36.11 22.54
C ARG A 68 -11.24 36.52 21.27
N PHE A 69 -10.48 36.82 20.22
CA PHE A 69 -11.07 37.13 18.91
C PHE A 69 -10.20 36.54 17.81
N GLU A 70 -10.83 36.16 16.69
CA GLU A 70 -10.11 35.55 15.57
C GLU A 70 -9.30 36.58 14.78
N ILE A 71 -8.01 36.71 15.07
CA ILE A 71 -7.17 37.68 14.37
C ILE A 71 -7.02 37.36 12.87
N PHE A 72 -6.95 36.08 12.52
CA PHE A 72 -6.83 35.65 11.13
C PHE A 72 -7.80 34.51 10.84
N PRO A 73 -8.98 34.85 10.32
CA PRO A 73 -10.02 33.85 10.02
C PRO A 73 -9.47 32.64 9.22
N LYS A 74 -9.74 31.44 9.71
CA LYS A 74 -9.13 30.24 9.13
C LYS A 74 -9.45 30.03 7.64
N THR A 75 -10.67 30.34 7.24
CA THR A 75 -11.13 30.04 5.88
C THR A 75 -10.90 31.19 4.91
N SER A 76 -10.30 32.26 5.38
CA SER A 76 -10.23 33.48 4.58
C SER A 76 -8.82 34.03 4.48
N SER A 77 -7.94 33.61 5.39
CA SER A 77 -6.63 34.23 5.48
C SER A 77 -5.59 33.60 4.57
N TRP A 78 -5.82 32.35 4.18
CA TRP A 78 -4.75 31.54 3.59
C TRP A 78 -5.12 30.85 2.27
N PRO A 79 -5.21 31.63 1.19
CA PRO A 79 -5.67 31.10 -0.09
C PRO A 79 -4.61 30.25 -0.77
N ASN A 80 -3.36 30.55 -0.53
CA ASN A 80 -2.29 29.90 -1.27
C ASN A 80 -1.63 28.76 -0.51
N HIS A 81 -2.25 28.34 0.59
CA HIS A 81 -1.65 27.31 1.44
C HIS A 81 -2.67 26.34 2.00
N ASP A 82 -2.21 25.20 2.47
CA ASP A 82 -3.11 24.20 3.06
C ASP A 82 -3.26 24.49 4.54
N SER A 83 -4.47 24.84 4.96
CA SER A 83 -4.72 25.16 6.36
C SER A 83 -5.46 24.04 7.06
N ASN A 84 -5.44 22.86 6.45
CA ASN A 84 -6.21 21.71 6.94
C ASN A 84 -5.35 20.56 7.41
N LYS A 85 -4.17 20.42 6.86
CA LYS A 85 -3.37 19.25 7.17
C LYS A 85 -2.53 19.38 8.45
N GLY A 86 -2.54 20.56 9.06
CA GLY A 86 -1.65 20.80 10.19
C GLY A 86 -2.07 20.23 11.53
N VAL A 87 -2.26 18.91 11.56
CA VAL A 87 -2.69 18.24 12.79
C VAL A 87 -1.73 17.11 13.15
N THR A 88 -1.76 16.67 14.40
CA THR A 88 -0.79 15.71 14.89
C THR A 88 -1.36 14.86 16.02
N ALA A 89 -0.73 13.70 16.23
CA ALA A 89 -1.16 12.78 17.27
C ALA A 89 -0.60 13.21 18.61
N ALA A 90 0.37 14.11 18.56
CA ALA A 90 0.92 14.70 19.78
C ALA A 90 -0.11 15.61 20.45
N CYS A 91 -1.09 16.06 19.68
CA CYS A 91 -2.06 17.01 20.18
C CYS A 91 -3.47 16.52 19.96
N PRO A 92 -3.83 15.37 20.55
CA PRO A 92 -5.08 14.74 20.16
C PRO A 92 -6.28 15.42 20.80
N HIS A 93 -7.43 15.32 20.13
CA HIS A 93 -8.67 15.89 20.59
C HIS A 93 -9.76 14.84 20.40
N ALA A 94 -10.09 14.13 21.48
CA ALA A 94 -11.15 13.14 21.44
C ALA A 94 -10.85 12.05 20.41
N GLY A 95 -9.78 11.31 20.65
CA GLY A 95 -9.37 10.23 19.76
C GLY A 95 -9.01 10.59 18.31
N ALA A 96 -8.94 11.89 17.99
CA ALA A 96 -8.52 12.29 16.64
C ALA A 96 -7.29 13.21 16.67
N LYS A 97 -6.54 13.23 15.57
CA LYS A 97 -5.34 14.03 15.53
C LYS A 97 -5.75 15.49 15.49
N SER A 98 -5.14 16.34 16.32
CA SER A 98 -5.59 17.75 16.34
C SER A 98 -4.46 18.77 16.47
N PHE A 99 -4.79 19.95 16.99
CA PHE A 99 -3.80 21.00 17.16
C PHE A 99 -4.34 22.13 18.02
N TYR A 100 -3.45 23.01 18.46
CA TYR A 100 -3.84 24.20 19.20
C TYR A 100 -4.99 24.91 18.49
N LYS A 101 -6.01 25.28 19.25
CA LYS A 101 -7.18 25.93 18.66
C LYS A 101 -6.83 27.33 18.22
N ASN A 102 -5.84 27.93 18.86
CA ASN A 102 -5.54 29.33 18.60
C ASN A 102 -4.45 29.55 17.55
N LEU A 103 -4.00 28.46 16.96
CA LEU A 103 -2.94 28.52 15.95
C LEU A 103 -3.32 27.67 14.76
N ILE A 104 -2.72 27.95 13.62
CA ILE A 104 -2.87 27.10 12.45
C ILE A 104 -1.50 26.72 11.90
N TRP A 105 -1.26 25.41 11.80
CA TRP A 105 -0.02 24.89 11.25
C TRP A 105 -0.14 24.89 9.73
N LEU A 106 0.41 25.91 9.07
CA LEU A 106 0.34 25.96 7.61
C LEU A 106 1.28 24.97 6.95
N VAL A 107 0.85 24.48 5.80
CA VAL A 107 1.56 23.41 5.11
C VAL A 107 1.37 23.59 3.61
N LYS A 108 2.34 23.16 2.81
CA LYS A 108 2.32 23.48 1.38
C LYS A 108 1.05 23.02 0.65
N LYS A 109 0.67 23.78 -0.38
CA LYS A 109 -0.48 23.47 -1.20
C LYS A 109 0.00 22.87 -2.53
N GLY A 110 -0.38 21.63 -2.77
CA GLY A 110 0.12 20.89 -3.91
C GLY A 110 1.58 20.53 -3.72
N ASN A 111 2.46 21.37 -4.25
CA ASN A 111 3.89 21.08 -4.23
C ASN A 111 4.71 22.37 -4.25
N SER A 112 4.11 23.44 -3.78
CA SER A 112 4.80 24.72 -3.67
C SER A 112 4.30 25.49 -2.46
N TYR A 113 5.24 26.17 -1.80
CA TYR A 113 4.91 27.02 -0.68
C TYR A 113 5.25 28.44 -1.09
N PRO A 114 4.29 29.16 -1.67
CA PRO A 114 4.50 30.54 -2.11
C PRO A 114 4.70 31.46 -0.91
N LYS A 115 5.30 32.64 -1.11
CA LYS A 115 5.54 33.53 0.02
C LYS A 115 4.23 33.96 0.64
N LEU A 116 4.24 34.00 1.96
CA LEU A 116 3.08 34.38 2.76
C LEU A 116 3.33 35.79 3.24
N SER A 117 2.34 36.66 3.11
CA SER A 117 2.46 38.00 3.68
C SER A 117 1.10 38.50 4.09
N LYS A 118 0.88 38.53 5.39
CA LYS A 118 -0.43 38.81 5.97
C LYS A 118 -0.21 39.80 7.10
N SER A 119 -1.02 40.85 7.18
CA SER A 119 -0.86 41.85 8.23
C SER A 119 -2.14 42.08 9.03
N TYR A 120 -1.99 42.61 10.24
CA TYR A 120 -3.12 42.97 11.07
C TYR A 120 -2.89 44.29 11.83
N ILE A 121 -3.89 45.17 11.80
CA ILE A 121 -3.82 46.44 12.54
C ILE A 121 -4.73 46.44 13.77
N ASN A 122 -4.17 46.77 14.92
CA ASN A 122 -4.90 46.78 16.18
C ASN A 122 -6.05 47.83 16.22
N ASP A 123 -7.29 47.39 15.96
CA ASP A 123 -8.44 48.28 16.03
C ASP A 123 -9.29 47.96 17.27
N LYS A 124 -8.70 47.20 18.19
CA LYS A 124 -9.24 47.05 19.54
C LYS A 124 -8.71 48.27 20.27
N GLY A 125 -9.38 48.69 21.34
CA GLY A 125 -8.91 49.86 22.06
C GLY A 125 -8.02 49.50 23.23
N LYS A 126 -7.26 48.41 23.09
CA LYS A 126 -6.42 47.86 24.16
C LYS A 126 -5.31 46.98 23.58
N GLU A 127 -4.32 46.66 24.42
CA GLU A 127 -3.19 45.81 24.03
C GLU A 127 -3.67 44.45 23.52
N VAL A 128 -3.09 44.01 22.40
CA VAL A 128 -3.49 42.71 21.84
C VAL A 128 -2.37 41.69 21.92
N LEU A 129 -2.66 40.55 22.54
CA LEU A 129 -1.69 39.46 22.70
C LEU A 129 -1.69 38.50 21.53
N VAL A 130 -0.57 38.43 20.83
CA VAL A 130 -0.53 37.57 19.65
C VAL A 130 0.48 36.45 19.81
N LEU A 131 0.03 35.21 19.60
CA LEU A 131 0.95 34.11 19.68
C LEU A 131 1.22 33.45 18.31
N TRP A 132 2.33 32.75 18.23
CA TRP A 132 2.67 32.00 17.01
C TRP A 132 3.79 31.02 17.29
N GLY A 133 4.06 30.16 16.31
CA GLY A 133 5.11 29.19 16.46
C GLY A 133 6.03 29.06 15.26
N ILE A 134 7.21 28.51 15.51
CA ILE A 134 8.11 28.11 14.45
C ILE A 134 8.36 26.61 14.54
N HIS A 135 8.08 25.91 13.45
CA HIS A 135 8.27 24.45 13.41
C HIS A 135 9.66 24.08 12.91
N HIS A 136 10.27 23.11 13.58
CA HIS A 136 11.63 22.66 13.27
C HIS A 136 11.69 21.18 12.97
N PRO A 137 11.65 20.84 11.66
CA PRO A 137 11.58 19.46 11.19
C PRO A 137 12.81 18.65 11.54
N SER A 138 12.63 17.34 11.56
CA SER A 138 13.67 16.41 11.99
C SER A 138 14.73 16.13 10.89
N THR A 139 14.29 16.03 9.65
CA THR A 139 15.20 15.76 8.55
C THR A 139 14.98 16.79 7.45
N SER A 140 15.94 16.92 6.53
CA SER A 140 15.79 17.88 5.46
C SER A 140 14.74 17.39 4.48
N ALA A 141 14.43 16.11 4.58
CA ALA A 141 13.36 15.51 3.77
C ALA A 141 11.98 15.94 4.31
N ASP A 142 11.85 15.98 5.63
CA ASP A 142 10.66 16.53 6.27
C ASP A 142 10.44 17.98 5.87
N GLN A 143 11.51 18.78 5.86
CA GLN A 143 11.42 20.18 5.50
C GLN A 143 10.77 20.38 4.12
N GLN A 144 11.14 19.55 3.14
CA GLN A 144 10.55 19.61 1.79
C GLN A 144 9.10 19.10 1.65
N SER A 145 8.80 17.99 2.31
CA SER A 145 7.46 17.41 2.23
C SER A 145 6.42 18.37 2.80
N LEU A 146 6.79 19.04 3.88
CA LEU A 146 5.91 20.00 4.53
C LEU A 146 5.93 21.36 3.87
N TYR A 147 7.13 21.89 3.64
CA TYR A 147 7.26 23.30 3.27
C TYR A 147 7.84 23.57 1.89
N GLN A 148 8.23 22.51 1.17
CA GLN A 148 8.83 22.61 -0.17
C GLN A 148 10.21 23.31 -0.20
N ASN A 149 10.31 24.48 0.43
CA ASN A 149 11.53 25.31 0.38
C ASN A 149 12.57 24.99 1.46
N ALA A 150 13.80 24.70 1.04
CA ALA A 150 14.88 24.39 1.97
C ALA A 150 15.46 25.64 2.62
N ASP A 151 15.34 26.78 1.93
CA ASP A 151 15.80 28.06 2.46
C ASP A 151 14.66 28.86 3.05
N ALA A 152 13.73 28.15 3.66
CA ALA A 152 12.58 28.78 4.30
C ALA A 152 13.04 29.78 5.36
N TYR A 153 12.33 30.90 5.44
CA TYR A 153 12.57 31.86 6.50
C TYR A 153 11.24 32.38 7.00
N VAL A 154 11.23 32.92 8.21
CA VAL A 154 10.05 33.57 8.76
C VAL A 154 10.38 34.94 9.35
N PHE A 155 9.68 35.99 8.94
CA PHE A 155 9.81 37.28 9.62
C PHE A 155 8.53 37.78 10.29
N VAL A 156 8.68 38.30 11.50
CA VAL A 156 7.57 38.92 12.21
C VAL A 156 7.99 40.30 12.67
N GLY A 157 7.18 41.30 12.33
CA GLY A 157 7.51 42.67 12.67
C GLY A 157 6.36 43.44 13.27
N SER A 158 6.70 44.47 14.04
CA SER A 158 5.76 45.49 14.51
C SER A 158 6.61 46.70 14.83
N SER A 159 6.05 47.61 15.62
CA SER A 159 6.76 48.81 16.06
C SER A 159 7.71 48.50 17.21
N ARG A 160 7.40 47.44 17.98
CA ARG A 160 8.22 47.04 19.12
C ARG A 160 8.90 45.67 18.94
N TYR A 161 8.40 44.85 18.04
CA TYR A 161 8.96 43.51 17.82
C TYR A 161 9.53 43.35 16.41
N SER A 162 10.74 42.80 16.31
CA SER A 162 11.34 42.47 15.00
C SER A 162 12.28 41.26 15.07
N LYS A 163 11.93 40.17 14.40
CA LYS A 163 12.78 38.98 14.44
C LYS A 163 12.61 38.01 13.24
N LYS A 164 13.74 37.59 12.67
CA LYS A 164 13.76 36.63 11.58
C LYS A 164 14.09 35.23 12.13
N PHE A 165 13.31 34.25 11.70
CA PHE A 165 13.49 32.90 12.19
C PHE A 165 13.91 32.00 11.07
N LYS A 166 14.73 31.01 11.41
CA LYS A 166 15.18 30.02 10.45
C LYS A 166 15.13 28.61 11.07
N PRO A 167 14.68 27.60 10.29
CA PRO A 167 14.56 26.23 10.83
C PRO A 167 15.92 25.58 11.11
N GLU A 168 16.03 24.91 12.25
CA GLU A 168 17.20 24.11 12.56
C GLU A 168 16.80 22.66 12.42
N ILE A 169 17.30 22.04 11.36
CA ILE A 169 16.99 20.65 11.04
C ILE A 169 17.94 19.71 11.76
N ALA A 170 17.37 18.79 12.53
CA ALA A 170 18.16 17.85 13.32
C ALA A 170 17.27 16.78 13.93
N ILE A 171 17.87 15.67 14.33
CA ILE A 171 17.14 14.61 15.01
C ILE A 171 17.23 14.73 16.53
N ARG A 172 16.14 15.19 17.13
CA ARG A 172 16.01 15.26 18.57
C ARG A 172 15.57 13.88 19.08
N PRO A 173 15.67 13.65 20.40
CA PRO A 173 15.09 12.40 20.92
C PRO A 173 13.58 12.47 20.86
N LYS A 174 12.92 11.32 20.80
CA LYS A 174 11.46 11.30 20.62
C LYS A 174 10.71 11.72 21.86
N VAL A 175 9.93 12.79 21.75
CA VAL A 175 9.05 13.21 22.84
C VAL A 175 7.62 13.22 22.32
N ARG A 176 6.76 12.40 22.92
CA ARG A 176 5.40 12.20 22.41
C ARG A 176 5.46 11.74 20.93
N ASP A 177 6.44 10.87 20.69
CA ASP A 177 6.71 10.29 19.38
C ASP A 177 7.21 11.29 18.34
N GLN A 178 7.59 12.49 18.76
CA GLN A 178 8.02 13.53 17.83
C GLN A 178 9.52 13.73 17.89
N GLU A 179 10.14 13.79 16.72
CA GLU A 179 11.57 14.03 16.62
C GLU A 179 11.81 15.48 16.22
N GLY A 180 10.77 16.11 15.69
CA GLY A 180 10.82 17.53 15.38
C GLY A 180 10.45 18.37 16.58
N ARG A 181 10.72 19.67 16.51
CA ARG A 181 10.43 20.59 17.61
C ARG A 181 9.64 21.82 17.15
N MET A 182 8.88 22.41 18.07
CA MET A 182 8.20 23.67 17.81
C MET A 182 8.47 24.72 18.89
N ASN A 183 8.89 25.91 18.48
CA ASN A 183 9.13 27.01 19.41
C ASN A 183 7.98 28.00 19.37
N TYR A 184 7.60 28.50 20.54
CA TYR A 184 6.44 29.38 20.68
C TYR A 184 6.83 30.77 21.10
N TYR A 185 6.29 31.76 20.40
CA TYR A 185 6.59 33.15 20.69
C TYR A 185 5.31 33.93 20.99
N TRP A 186 5.49 35.16 21.49
CA TRP A 186 4.37 36.02 21.83
C TRP A 186 4.82 37.45 21.96
N THR A 187 3.98 38.37 21.53
CA THR A 187 4.27 39.78 21.74
C THR A 187 3.00 40.59 21.92
N LEU A 188 3.17 41.81 22.43
CA LEU A 188 2.03 42.69 22.65
C LEU A 188 1.98 43.76 21.57
N VAL A 189 0.80 43.90 20.98
CA VAL A 189 0.59 44.89 19.93
C VAL A 189 -0.14 46.13 20.45
N GLU A 190 0.54 47.27 20.41
CA GLU A 190 -0.03 48.55 20.85
C GLU A 190 -1.30 48.93 20.09
N PRO A 191 -2.21 49.68 20.75
CA PRO A 191 -3.49 50.06 20.15
C PRO A 191 -3.46 50.66 18.73
N GLY A 192 -2.40 51.33 18.30
CA GLY A 192 -2.37 51.88 16.95
C GLY A 192 -1.46 51.14 15.99
N ASP A 193 -1.07 49.91 16.36
CA ASP A 193 0.06 49.22 15.76
C ASP A 193 -0.34 48.16 14.74
N LYS A 194 0.50 48.02 13.71
CA LYS A 194 0.35 46.95 12.73
C LYS A 194 1.33 45.82 13.06
N ILE A 195 0.89 44.58 12.90
CA ILE A 195 1.80 43.45 12.93
C ILE A 195 1.81 42.69 11.60
N THR A 196 3.00 42.46 11.06
CA THR A 196 3.14 41.81 9.78
C THR A 196 3.81 40.44 9.90
N PHE A 197 3.29 39.48 9.14
CA PHE A 197 3.89 38.16 9.03
C PHE A 197 4.39 37.90 7.61
N GLU A 198 5.61 37.39 7.50
CA GLU A 198 6.16 36.99 6.21
C GLU A 198 6.79 35.60 6.35
N ALA A 199 6.51 34.71 5.41
CA ALA A 199 7.03 33.35 5.54
C ALA A 199 7.17 32.59 4.23
N THR A 200 8.26 31.84 4.14
CA THR A 200 8.44 30.84 3.09
C THR A 200 8.47 29.43 3.72
N GLY A 201 7.72 29.26 4.80
CA GLY A 201 7.61 27.98 5.45
C GLY A 201 7.78 28.06 6.97
N ASN A 202 7.55 26.94 7.64
CA ASN A 202 7.83 26.77 9.07
C ASN A 202 7.08 27.68 10.04
N LEU A 203 6.12 28.43 9.53
CA LEU A 203 5.37 29.33 10.36
C LEU A 203 4.08 28.73 10.88
N VAL A 204 3.98 28.61 12.21
CA VAL A 204 2.69 28.27 12.82
C VAL A 204 1.92 29.55 13.12
N VAL A 205 0.84 29.75 12.35
CA VAL A 205 0.16 31.04 12.23
C VAL A 205 -0.86 31.36 13.34
N PRO A 206 -0.96 32.65 13.75
CA PRO A 206 -1.96 32.96 14.76
C PRO A 206 -3.33 32.77 14.15
N ARG A 207 -4.26 32.22 14.92
CA ARG A 207 -5.65 32.20 14.51
C ARG A 207 -6.52 33.05 15.45
N TYR A 208 -6.42 32.78 16.75
CA TYR A 208 -7.02 33.65 17.76
C TYR A 208 -5.92 34.36 18.49
N ALA A 209 -6.24 35.57 18.94
CA ALA A 209 -5.37 36.39 19.77
C ALA A 209 -6.28 37.01 20.82
N PHE A 210 -5.72 37.76 21.76
CA PHE A 210 -6.48 38.16 22.94
C PHE A 210 -6.35 39.65 23.24
N ALA A 211 -7.47 40.35 23.17
CA ALA A 211 -7.49 41.77 23.53
C ALA A 211 -7.51 41.88 25.05
N MET A 212 -6.64 42.69 25.62
CA MET A 212 -6.59 42.76 27.08
C MET A 212 -6.11 44.04 27.73
N GLU A 213 -6.27 44.06 29.06
CA GLU A 213 -5.74 45.11 29.93
C GLU A 213 -5.13 44.47 31.17
N ARG A 214 -3.87 44.81 31.46
CA ARG A 214 -3.19 44.29 32.63
C ARG A 214 -3.63 45.08 33.87
N ASN A 215 -3.58 44.46 35.05
CA ASN A 215 -3.82 45.18 36.29
C ASN A 215 -2.52 45.65 36.93
N GLU B 1 5.83 5.05 -15.11
CA GLU B 1 7.07 5.59 -15.66
C GLU B 1 8.24 5.14 -14.77
N VAL B 2 8.03 5.20 -13.46
CA VAL B 2 8.97 4.62 -12.50
C VAL B 2 8.68 3.12 -12.42
N GLN B 3 9.67 2.24 -12.63
CA GLN B 3 9.36 0.81 -12.52
C GLN B 3 10.36 0.13 -11.60
N LEU B 4 9.89 -0.93 -10.93
CA LEU B 4 10.73 -1.66 -10.02
C LEU B 4 10.64 -3.14 -10.35
N VAL B 5 11.77 -3.83 -10.26
CA VAL B 5 11.81 -5.24 -10.60
C VAL B 5 12.64 -5.99 -9.60
N GLU B 6 12.02 -6.96 -8.94
CA GLU B 6 12.67 -7.84 -7.98
C GLU B 6 13.35 -9.00 -8.69
N SER B 7 14.49 -9.42 -8.15
CA SER B 7 15.21 -10.61 -8.58
C SER B 7 15.91 -11.27 -7.41
N GLY B 8 16.18 -12.56 -7.57
CA GLY B 8 16.94 -13.35 -6.61
C GLY B 8 16.40 -14.76 -6.59
N PRO B 9 17.03 -15.64 -5.79
CA PRO B 9 16.66 -17.05 -5.86
C PRO B 9 15.21 -17.30 -5.48
N GLY B 10 14.55 -18.25 -6.14
CA GLY B 10 13.17 -18.57 -5.79
C GLY B 10 13.08 -19.71 -4.81
N LEU B 11 14.22 -20.27 -4.44
CA LEU B 11 14.23 -21.41 -3.52
C LEU B 11 15.38 -21.22 -2.56
N VAL B 12 15.11 -21.29 -1.27
CA VAL B 12 16.16 -21.16 -0.28
C VAL B 12 16.02 -22.20 0.79
N LYS B 13 17.13 -22.80 1.22
CA LYS B 13 17.06 -23.78 2.31
C LYS B 13 16.92 -23.06 3.65
N PRO B 14 16.24 -23.72 4.59
CA PRO B 14 16.12 -23.22 5.98
C PRO B 14 17.52 -22.92 6.55
N SER B 15 17.65 -21.83 7.32
CA SER B 15 18.90 -21.41 7.97
C SER B 15 19.87 -20.66 7.04
N ASP B 16 19.50 -20.56 5.77
CA ASP B 16 20.30 -19.80 4.84
C ASP B 16 19.78 -18.36 4.78
N ILE B 17 20.40 -17.55 3.93
CA ILE B 17 20.02 -16.16 3.78
C ILE B 17 19.19 -15.98 2.52
N LEU B 18 18.07 -15.29 2.65
CA LEU B 18 17.29 -14.93 1.50
C LEU B 18 17.82 -13.58 1.01
N SER B 19 18.22 -13.53 -0.26
CA SER B 19 18.74 -12.30 -0.84
C SER B 19 17.91 -11.92 -2.05
N LEU B 20 17.53 -10.64 -2.08
CA LEU B 20 16.84 -10.09 -3.21
C LEU B 20 17.40 -8.74 -3.60
N THR B 21 17.26 -8.39 -4.87
CA THR B 21 17.55 -7.05 -5.31
C THR B 21 16.33 -6.47 -6.04
N CYS B 22 16.16 -5.14 -5.96
CA CYS B 22 15.13 -4.42 -6.70
C CYS B 22 15.88 -3.46 -7.58
N ALA B 23 15.68 -3.55 -8.88
CA ALA B 23 16.27 -2.61 -9.81
C ALA B 23 15.21 -1.57 -10.13
N VAL B 24 15.53 -0.31 -9.93
CA VAL B 24 14.60 0.75 -10.23
C VAL B 24 15.01 1.34 -11.57
N SER B 25 14.03 1.67 -12.40
CA SER B 25 14.32 2.32 -13.67
C SER B 25 13.41 3.52 -13.81
N GLY B 26 13.91 4.60 -14.40
CA GLY B 26 13.02 5.71 -14.67
C GLY B 26 13.03 6.72 -13.55
N TYR B 27 13.81 6.45 -12.51
CA TYR B 27 13.86 7.35 -11.40
C TYR B 27 15.08 6.98 -10.56
N SER B 28 15.77 7.99 -10.04
CA SER B 28 16.96 7.79 -9.21
C SER B 28 16.60 7.66 -7.72
N ILE B 29 17.09 6.59 -7.10
CA ILE B 29 16.83 6.42 -5.69
C ILE B 29 17.28 7.58 -4.84
N SER B 30 18.44 8.13 -5.20
CA SER B 30 18.99 9.31 -4.54
C SER B 30 18.00 10.45 -4.75
N SER B 31 16.84 10.37 -4.11
CA SER B 31 15.79 11.36 -4.30
C SER B 31 14.84 11.30 -3.10
N ASN B 32 13.88 12.22 -2.97
CA ASN B 32 13.11 12.20 -1.74
C ASN B 32 12.10 11.10 -1.59
N TYR B 33 12.61 9.88 -1.54
CA TYR B 33 11.78 8.76 -1.22
C TYR B 33 12.55 7.77 -0.36
N TYR B 34 11.80 6.97 0.40
CA TYR B 34 12.28 5.72 0.99
C TYR B 34 11.96 4.55 0.04
N TRP B 35 12.66 3.43 0.18
CA TRP B 35 12.52 2.31 -0.75
C TRP B 35 12.50 1.08 0.11
N GLY B 36 11.50 0.22 -0.06
CA GLY B 36 11.36 -0.89 0.85
C GLY B 36 10.63 -2.12 0.33
N TRP B 37 10.28 -3.00 1.26
CA TRP B 37 9.86 -4.36 0.96
C TRP B 37 8.61 -4.74 1.74
N ILE B 38 7.69 -5.41 1.07
CA ILE B 38 6.46 -5.91 1.66
C ILE B 38 6.36 -7.32 1.11
N ARG B 39 5.88 -8.27 1.92
CA ARG B 39 5.75 -9.64 1.40
C ARG B 39 4.36 -10.18 1.64
N GLN B 40 4.04 -11.26 0.97
CA GLN B 40 2.71 -11.83 1.08
C GLN B 40 2.80 -13.34 0.95
N PRO B 41 2.65 -14.06 2.08
CA PRO B 41 2.59 -15.50 1.81
C PRO B 41 1.39 -15.85 0.93
N PRO B 42 1.51 -16.91 0.13
CA PRO B 42 0.43 -17.34 -0.78
C PRO B 42 -0.89 -17.48 -0.03
N GLY B 43 -1.88 -16.77 -0.55
CA GLY B 43 -3.24 -16.77 -0.07
C GLY B 43 -3.50 -15.99 1.22
N LYS B 44 -2.49 -15.28 1.73
CA LYS B 44 -2.62 -14.53 2.98
C LYS B 44 -2.42 -13.01 2.79
N GLY B 45 -2.43 -12.22 3.86
CA GLY B 45 -2.32 -10.79 3.65
C GLY B 45 -0.94 -10.20 3.48
N LEU B 46 -0.88 -8.90 3.26
CA LEU B 46 0.40 -8.19 3.10
C LEU B 46 1.05 -7.92 4.44
N GLU B 47 2.39 -8.04 4.49
CA GLU B 47 3.15 -7.77 5.69
C GLU B 47 4.32 -6.89 5.29
N TRP B 48 4.43 -5.71 5.89
CA TRP B 48 5.54 -4.80 5.62
C TRP B 48 6.81 -5.31 6.32
N ILE B 49 7.93 -5.18 5.63
CA ILE B 49 9.22 -5.69 6.12
C ILE B 49 10.24 -4.63 6.60
N GLY B 50 10.46 -3.62 5.76
CA GLY B 50 11.41 -2.57 6.07
C GLY B 50 11.64 -1.64 4.87
N SER B 51 12.40 -0.57 5.10
CA SER B 51 12.68 0.43 4.08
C SER B 51 14.01 1.15 4.35
N ILE B 52 14.51 1.87 3.35
CA ILE B 52 15.80 2.54 3.41
C ILE B 52 15.79 3.87 2.65
N TYR B 53 16.61 4.84 3.05
CA TYR B 53 16.69 6.12 2.34
C TYR B 53 18.06 6.11 1.66
N HIS B 54 18.31 6.92 0.62
CA HIS B 54 19.62 6.79 -0.05
C HIS B 54 20.81 7.07 0.85
N SER B 55 20.56 7.80 1.94
CA SER B 55 21.57 8.16 2.93
C SER B 55 21.97 6.98 3.81
N GLY B 56 21.15 5.92 3.76
CA GLY B 56 21.34 4.74 4.60
C GLY B 56 20.45 4.52 5.81
N SER B 57 19.65 5.53 6.17
CA SER B 57 18.73 5.36 7.28
C SER B 57 17.72 4.29 6.94
N THR B 58 17.43 3.39 7.88
CA THR B 58 16.54 2.28 7.61
C THR B 58 15.43 2.24 8.67
N TYR B 59 14.30 1.64 8.32
CA TYR B 59 13.26 1.24 9.27
C TYR B 59 13.03 -0.26 9.07
N TYR B 60 13.05 -1.02 10.18
CA TYR B 60 12.84 -2.45 10.16
C TYR B 60 11.60 -2.88 10.98
N LYS B 61 10.86 -3.87 10.52
CA LYS B 61 9.78 -4.44 11.35
C LYS B 61 10.41 -4.98 12.62
N PRO B 62 9.92 -4.57 13.81
CA PRO B 62 10.56 -4.99 15.07
C PRO B 62 10.71 -6.50 15.24
N SER B 63 9.70 -7.27 14.83
CA SER B 63 9.76 -8.71 14.99
C SER B 63 10.84 -9.34 14.07
N LEU B 64 11.30 -8.61 13.05
CA LEU B 64 12.29 -9.16 12.11
C LEU B 64 13.65 -8.53 12.21
N GLU B 65 13.75 -7.50 13.03
CA GLU B 65 14.94 -6.65 13.01
C GLU B 65 16.26 -7.43 13.19
N SER B 66 16.27 -8.44 14.05
CA SER B 66 17.47 -9.25 14.31
C SER B 66 17.92 -10.04 13.05
N ARG B 67 17.02 -10.25 12.09
CA ARG B 67 17.36 -11.10 10.95
C ARG B 67 17.43 -10.27 9.67
N LEU B 68 17.28 -8.94 9.75
CA LEU B 68 17.11 -8.11 8.54
C LEU B 68 18.27 -7.19 8.31
N GLY B 69 18.64 -7.04 7.04
CA GLY B 69 19.51 -5.99 6.54
C GLY B 69 19.01 -5.43 5.22
N ILE B 70 19.03 -4.11 5.05
CA ILE B 70 18.70 -3.53 3.75
C ILE B 70 19.82 -2.58 3.34
N SER B 71 20.22 -2.64 2.06
CA SER B 71 21.29 -1.82 1.49
C SER B 71 20.81 -1.17 0.22
N VAL B 72 21.53 -0.12 -0.17
CA VAL B 72 21.23 0.65 -1.37
C VAL B 72 22.52 0.88 -2.15
N ASP B 73 22.43 0.79 -3.47
CA ASP B 73 23.55 1.06 -4.34
C ASP B 73 23.09 2.10 -5.37
N THR B 74 23.31 3.37 -5.05
CA THR B 74 22.87 4.45 -5.93
C THR B 74 23.54 4.40 -7.30
N SER B 75 24.76 3.89 -7.38
CA SER B 75 25.45 3.87 -8.67
C SER B 75 24.78 2.95 -9.71
N LYS B 76 24.04 1.94 -9.25
CA LYS B 76 23.32 1.00 -10.13
C LYS B 76 21.82 1.17 -10.06
N ASN B 77 21.39 2.18 -9.31
CA ASN B 77 19.99 2.49 -9.05
C ASN B 77 19.18 1.27 -8.57
N GLN B 78 19.70 0.62 -7.53
CA GLN B 78 19.07 -0.54 -6.93
C GLN B 78 19.22 -0.59 -5.41
N PHE B 79 18.39 -1.40 -4.78
CA PHE B 79 18.54 -1.70 -3.38
C PHE B 79 18.21 -3.15 -3.12
N SER B 80 18.60 -3.65 -1.97
CA SER B 80 18.59 -5.07 -1.78
C SER B 80 18.07 -5.43 -0.39
N LEU B 81 17.67 -6.69 -0.26
CA LEU B 81 17.14 -7.18 0.99
C LEU B 81 17.95 -8.40 1.38
N LYS B 82 18.27 -8.48 2.66
CA LYS B 82 18.83 -9.71 3.21
C LYS B 82 18.11 -10.06 4.49
N LEU B 83 17.57 -11.27 4.49
CA LEU B 83 16.82 -11.77 5.62
C LEU B 83 17.53 -13.04 6.06
N SER B 84 18.08 -13.00 7.26
CA SER B 84 18.86 -14.14 7.67
C SER B 84 18.08 -15.29 8.34
N PHE B 85 18.74 -16.45 8.43
CA PHE B 85 18.27 -17.62 9.18
C PHE B 85 16.80 -17.99 8.86
N VAL B 86 16.45 -18.10 7.59
CA VAL B 86 15.04 -18.27 7.21
C VAL B 86 14.44 -19.65 7.49
N SER B 87 13.11 -19.67 7.63
CA SER B 87 12.32 -20.89 7.73
C SER B 87 11.12 -20.74 6.80
N ALA B 88 10.29 -21.78 6.79
CA ALA B 88 9.07 -21.82 6.00
C ALA B 88 8.12 -20.64 6.23
N ALA B 89 8.21 -20.01 7.40
CA ALA B 89 7.42 -18.83 7.70
C ALA B 89 7.79 -17.65 6.78
N ASP B 90 8.94 -17.74 6.11
CA ASP B 90 9.38 -16.68 5.21
C ASP B 90 9.05 -16.88 3.75
N THR B 91 8.40 -18.00 3.43
CA THR B 91 7.87 -18.21 2.10
C THR B 91 6.79 -17.19 1.76
N ALA B 92 6.97 -16.47 0.65
CA ALA B 92 6.10 -15.35 0.30
C ALA B 92 6.45 -14.85 -1.06
N VAL B 93 5.55 -14.06 -1.64
CA VAL B 93 5.87 -13.22 -2.77
C VAL B 93 6.47 -11.93 -2.16
N TYR B 94 7.65 -11.52 -2.62
CA TYR B 94 8.27 -10.32 -2.12
C TYR B 94 8.16 -9.18 -3.11
N TYR B 95 7.60 -8.08 -2.61
CA TYR B 95 7.46 -6.88 -3.42
C TYR B 95 8.39 -5.80 -2.91
N CYS B 96 9.01 -5.09 -3.84
CA CYS B 96 9.62 -3.83 -3.53
C CYS B 96 8.68 -2.68 -3.91
N ALA B 97 8.79 -1.57 -3.21
CA ALA B 97 7.85 -0.48 -3.40
C ALA B 97 8.48 0.86 -3.00
N ARG B 98 8.11 1.92 -3.73
CA ARG B 98 8.54 3.27 -3.36
C ARG B 98 7.67 3.75 -2.21
N HIS B 99 8.32 4.30 -1.17
CA HIS B 99 7.69 4.81 0.05
C HIS B 99 7.63 6.34 -0.02
N VAL B 100 6.42 6.85 -0.07
CA VAL B 100 6.10 8.28 -0.16
C VAL B 100 5.79 8.82 1.25
N ARG B 101 6.40 9.95 1.57
CA ARG B 101 6.12 10.65 2.81
C ARG B 101 4.78 11.35 2.77
N SER B 102 3.98 11.06 3.79
CA SER B 102 2.67 11.67 3.92
C SER B 102 2.87 13.18 4.03
N GLY B 103 1.94 13.94 3.46
CA GLY B 103 1.98 15.38 3.61
C GLY B 103 1.62 15.89 4.99
N TYR B 104 1.08 15.00 5.82
CA TYR B 104 0.81 15.34 7.21
C TYR B 104 2.15 15.50 7.95
N PRO B 105 2.15 16.21 9.08
CA PRO B 105 3.31 16.57 9.90
C PRO B 105 3.99 15.35 10.51
N ASP B 106 3.21 14.47 11.15
CA ASP B 106 3.78 13.31 11.80
C ASP B 106 4.37 12.32 10.78
N THR B 107 5.47 11.66 11.14
CA THR B 107 6.07 10.71 10.22
C THR B 107 5.10 9.62 9.81
N ALA B 108 4.90 9.46 8.51
CA ALA B 108 4.03 8.41 7.95
C ALA B 108 4.49 8.18 6.52
N TYR B 109 4.49 6.93 6.05
CA TYR B 109 4.90 6.62 4.67
C TYR B 109 3.82 5.76 4.00
N TYR B 110 3.60 5.93 2.71
CA TYR B 110 2.71 4.99 2.02
C TYR B 110 3.39 4.58 0.70
N PHE B 111 2.81 3.59 0.01
CA PHE B 111 3.56 2.91 -1.05
C PHE B 111 2.88 3.11 -2.38
N ASP B 112 3.42 3.99 -3.23
CA ASP B 112 2.67 4.39 -4.41
C ASP B 112 3.05 3.63 -5.68
N LYS B 113 4.27 3.08 -5.72
CA LYS B 113 4.69 2.33 -6.90
C LYS B 113 5.24 1.01 -6.43
N TRP B 114 4.78 -0.06 -7.09
CA TRP B 114 5.12 -1.41 -6.67
C TRP B 114 5.69 -2.24 -7.80
N GLY B 115 6.64 -3.11 -7.49
CA GLY B 115 7.05 -4.13 -8.44
C GLY B 115 5.97 -5.19 -8.53
N GLN B 116 6.10 -6.09 -9.49
CA GLN B 116 5.15 -7.18 -9.70
C GLN B 116 5.34 -8.29 -8.64
N GLY B 117 6.49 -8.29 -7.96
CA GLY B 117 6.76 -9.31 -6.95
C GLY B 117 7.53 -10.55 -7.34
N THR B 118 8.28 -11.16 -6.41
CA THR B 118 8.94 -12.44 -6.75
C THR B 118 8.71 -13.46 -5.62
N LEU B 119 8.38 -14.71 -5.99
CA LEU B 119 8.09 -15.75 -4.99
C LEU B 119 9.38 -16.33 -4.46
N VAL B 120 9.48 -16.46 -3.15
CA VAL B 120 10.56 -17.21 -2.57
C VAL B 120 10.00 -18.28 -1.71
N THR B 121 10.39 -19.53 -2.01
CA THR B 121 10.02 -20.64 -1.19
C THR B 121 11.20 -21.05 -0.34
N VAL B 122 10.95 -21.19 0.95
CA VAL B 122 11.95 -21.68 1.87
C VAL B 122 11.61 -23.14 2.14
N SER B 123 12.49 -24.05 1.76
CA SER B 123 12.19 -25.47 1.86
C SER B 123 13.47 -26.28 1.77
N SER B 124 13.48 -27.42 2.45
CA SER B 124 14.60 -28.32 2.39
C SER B 124 14.53 -29.23 1.17
N ALA B 125 13.44 -29.14 0.41
CA ALA B 125 13.29 -29.99 -0.78
C ALA B 125 14.14 -29.47 -1.93
N SER B 126 14.70 -30.43 -2.66
CA SER B 126 15.46 -30.21 -3.87
C SER B 126 14.69 -29.63 -5.03
N THR B 127 15.36 -28.87 -5.87
CA THR B 127 14.69 -28.31 -7.03
C THR B 127 14.53 -29.40 -8.04
N LYS B 128 13.50 -29.32 -8.88
CA LYS B 128 13.41 -30.21 -10.03
C LYS B 128 12.93 -29.30 -11.15
N GLY B 129 13.52 -29.46 -12.32
CA GLY B 129 13.11 -28.71 -13.48
C GLY B 129 12.03 -29.50 -14.18
N PRO B 130 11.25 -28.82 -15.03
CA PRO B 130 10.14 -29.49 -15.68
C PRO B 130 10.58 -30.19 -16.96
N SER B 131 9.81 -31.19 -17.40
CA SER B 131 9.89 -31.67 -18.78
C SER B 131 8.81 -30.93 -19.57
N VAL B 132 9.13 -30.47 -20.78
CA VAL B 132 8.17 -29.72 -21.58
C VAL B 132 7.76 -30.50 -22.81
N PHE B 133 6.46 -30.69 -23.00
CA PHE B 133 5.95 -31.41 -24.15
C PHE B 133 5.01 -30.49 -24.93
N PRO B 134 5.03 -30.55 -26.27
CA PRO B 134 4.13 -29.72 -27.08
C PRO B 134 2.73 -30.33 -27.06
N LEU B 135 1.71 -29.48 -27.08
CA LEU B 135 0.32 -29.87 -27.19
C LEU B 135 -0.22 -29.46 -28.56
N ALA B 136 -0.16 -30.41 -29.48
CA ALA B 136 -0.43 -30.21 -30.91
C ALA B 136 -1.87 -29.82 -31.22
N PRO B 137 -2.04 -28.90 -32.18
CA PRO B 137 -3.30 -28.38 -32.75
C PRO B 137 -4.10 -29.35 -33.62
N SER B 138 -5.41 -29.09 -33.68
CA SER B 138 -6.37 -29.79 -34.56
C SER B 138 -6.48 -31.26 -34.20
N GLY B 145 -10.04 -21.67 -40.64
CA GLY B 145 -10.41 -22.04 -39.28
C GLY B 145 -9.30 -21.74 -38.29
N THR B 146 -9.59 -21.93 -37.01
CA THR B 146 -8.52 -21.78 -36.02
C THR B 146 -8.24 -23.02 -35.19
N ALA B 147 -7.10 -23.01 -34.53
CA ALA B 147 -6.61 -24.16 -33.77
C ALA B 147 -6.00 -23.70 -32.46
N ALA B 148 -6.31 -24.40 -31.37
CA ALA B 148 -5.68 -24.12 -30.09
C ALA B 148 -4.48 -25.05 -29.96
N LEU B 149 -3.33 -24.48 -29.63
CA LEU B 149 -2.14 -25.28 -29.38
C LEU B 149 -1.47 -24.78 -28.12
N GLY B 150 -0.57 -25.59 -27.58
CA GLY B 150 0.08 -25.22 -26.34
C GLY B 150 1.30 -26.00 -25.90
N CYS B 151 1.66 -25.81 -24.64
CA CYS B 151 2.79 -26.50 -24.03
C CYS B 151 2.41 -26.99 -22.66
N LEU B 152 2.79 -28.23 -22.38
CA LEU B 152 2.65 -28.85 -21.07
C LEU B 152 3.95 -28.80 -20.31
N VAL B 153 3.93 -28.18 -19.14
CA VAL B 153 5.11 -28.04 -18.31
C VAL B 153 5.00 -28.96 -17.11
N LYS B 154 5.66 -30.10 -17.17
CA LYS B 154 5.32 -31.19 -16.27
C LYS B 154 6.33 -31.40 -15.12
N ASP B 155 5.83 -31.58 -13.90
CA ASP B 155 6.67 -32.12 -12.79
C ASP B 155 7.86 -31.26 -12.35
N TYR B 156 7.60 -30.03 -11.91
CA TYR B 156 8.66 -29.16 -11.43
C TYR B 156 8.48 -28.70 -9.96
N PHE B 157 9.54 -28.15 -9.38
CA PHE B 157 9.50 -27.64 -8.01
C PHE B 157 10.66 -26.68 -7.79
N PRO B 158 10.41 -25.55 -7.13
CA PRO B 158 9.10 -25.06 -6.69
C PRO B 158 8.51 -24.15 -7.76
N GLU B 159 7.39 -23.51 -7.44
CA GLU B 159 6.84 -22.45 -8.28
C GLU B 159 7.86 -21.31 -8.27
N PRO B 160 7.84 -20.44 -9.28
CA PRO B 160 6.93 -20.46 -10.43
C PRO B 160 7.63 -20.86 -11.72
N VAL B 161 6.86 -21.01 -12.78
CA VAL B 161 7.41 -21.21 -14.10
C VAL B 161 6.83 -20.10 -14.98
N THR B 162 7.68 -19.39 -15.73
CA THR B 162 7.15 -18.44 -16.71
C THR B 162 7.00 -19.07 -18.12
N VAL B 163 5.91 -18.75 -18.81
CA VAL B 163 5.85 -19.11 -20.21
C VAL B 163 5.58 -17.87 -21.06
N SER B 164 6.23 -17.82 -22.22
CA SER B 164 6.01 -16.77 -23.20
C SER B 164 5.81 -17.51 -24.53
N TRP B 165 5.34 -16.82 -25.56
CA TRP B 165 5.31 -17.39 -26.88
C TRP B 165 6.04 -16.54 -27.91
N ASN B 166 6.81 -17.22 -28.76
CA ASN B 166 7.66 -16.56 -29.74
C ASN B 166 8.46 -15.45 -29.13
N SER B 167 9.01 -15.72 -27.95
CA SER B 167 9.83 -14.76 -27.20
C SER B 167 9.09 -13.48 -26.88
N GLY B 168 7.78 -13.58 -26.68
CA GLY B 168 6.96 -12.44 -26.33
C GLY B 168 6.33 -11.72 -27.50
N ALA B 169 6.64 -12.14 -28.72
CA ALA B 169 5.99 -11.57 -29.90
C ALA B 169 4.52 -11.94 -29.92
N LEU B 170 4.18 -13.05 -29.26
CA LEU B 170 2.81 -13.55 -29.28
C LEU B 170 2.19 -13.48 -27.87
N THR B 171 1.16 -12.66 -27.72
CA THR B 171 0.56 -12.47 -26.40
C THR B 171 -0.93 -12.63 -26.43
N SER B 172 -1.53 -12.12 -27.51
CA SER B 172 -2.97 -12.18 -27.59
C SER B 172 -3.46 -13.63 -27.62
N GLY B 173 -4.45 -13.91 -26.77
CA GLY B 173 -5.04 -15.22 -26.72
C GLY B 173 -4.21 -16.19 -25.88
N VAL B 174 -3.08 -15.75 -25.32
CA VAL B 174 -2.28 -16.68 -24.53
C VAL B 174 -2.91 -16.81 -23.16
N HIS B 175 -3.11 -18.05 -22.75
CA HIS B 175 -3.62 -18.38 -21.44
C HIS B 175 -2.75 -19.44 -20.77
N THR B 176 -1.95 -18.96 -19.84
CA THR B 176 -1.12 -19.82 -19.03
C THR B 176 -1.93 -20.12 -17.76
N PHE B 177 -2.21 -21.39 -17.51
CA PHE B 177 -3.12 -21.83 -16.43
C PHE B 177 -2.40 -21.96 -15.12
N PRO B 178 -3.13 -21.68 -14.03
CA PRO B 178 -2.58 -21.97 -12.70
C PRO B 178 -2.11 -23.41 -12.60
N ALA B 179 -1.01 -23.62 -11.91
CA ALA B 179 -0.42 -24.92 -11.79
C ALA B 179 -1.25 -25.84 -10.93
N VAL B 180 -1.19 -27.16 -11.19
CA VAL B 180 -1.74 -28.13 -10.26
C VAL B 180 -0.60 -28.59 -9.35
N LEU B 181 -0.87 -28.72 -8.04
CA LEU B 181 0.09 -29.36 -7.15
C LEU B 181 -0.30 -30.82 -6.96
N GLN B 182 0.54 -31.73 -7.47
CA GLN B 182 0.28 -33.16 -7.44
C GLN B 182 0.60 -33.76 -6.06
N SER B 183 0.09 -34.97 -5.79
CA SER B 183 0.37 -35.68 -4.53
C SER B 183 1.87 -36.00 -4.35
N SER B 184 2.59 -36.03 -5.46
CA SER B 184 4.03 -36.22 -5.46
C SER B 184 4.78 -35.02 -4.87
N GLY B 185 4.10 -33.88 -4.80
CA GLY B 185 4.79 -32.69 -4.31
C GLY B 185 5.30 -31.86 -5.48
N LEU B 186 5.16 -32.38 -6.70
CA LEU B 186 5.57 -31.63 -7.87
C LEU B 186 4.39 -30.87 -8.46
N TYR B 187 4.69 -29.79 -9.20
CA TYR B 187 3.68 -29.01 -9.92
C TYR B 187 3.70 -29.35 -11.41
N SER B 188 2.58 -29.13 -12.08
CA SER B 188 2.52 -29.09 -13.54
C SER B 188 1.60 -27.97 -13.97
N LEU B 189 1.91 -27.38 -15.12
CA LEU B 189 0.99 -26.44 -15.73
C LEU B 189 0.93 -26.54 -17.24
N SER B 190 -0.03 -25.85 -17.83
CA SER B 190 -0.14 -25.78 -19.28
C SER B 190 -0.36 -24.36 -19.73
N SER B 191 0.11 -24.05 -20.93
CA SER B 191 -0.16 -22.75 -21.54
C SER B 191 -0.74 -22.97 -22.95
N VAL B 192 -1.87 -22.34 -23.27
CA VAL B 192 -2.46 -22.55 -24.58
C VAL B 192 -2.72 -21.25 -25.35
N VAL B 193 -2.49 -21.25 -26.66
CA VAL B 193 -2.82 -20.12 -27.53
C VAL B 193 -3.57 -20.61 -28.79
N THR B 194 -4.59 -19.88 -29.27
CA THR B 194 -5.33 -20.21 -30.51
C THR B 194 -4.84 -19.41 -31.72
N VAL B 195 -4.51 -20.12 -32.81
CA VAL B 195 -3.92 -19.52 -34.02
C VAL B 195 -4.62 -19.94 -35.31
N PRO B 196 -4.55 -19.07 -36.35
CA PRO B 196 -5.05 -19.47 -37.66
C PRO B 196 -4.49 -20.85 -38.06
N SER B 197 -5.33 -21.81 -38.42
CA SER B 197 -4.83 -23.11 -38.91
C SER B 197 -3.91 -22.96 -40.14
N SER B 198 -4.33 -22.08 -41.05
CA SER B 198 -3.61 -21.69 -42.28
C SER B 198 -2.17 -21.21 -42.14
N SER B 199 -1.77 -20.81 -40.94
CA SER B 199 -0.43 -20.27 -40.77
C SER B 199 0.57 -21.17 -40.09
N LEU B 200 0.27 -22.45 -40.00
CA LEU B 200 1.23 -23.39 -39.45
C LEU B 200 2.21 -23.84 -40.54
N GLY B 201 1.79 -23.74 -41.80
CA GLY B 201 2.67 -24.07 -42.90
C GLY B 201 3.71 -22.99 -43.10
N THR B 202 3.30 -21.75 -42.83
CA THR B 202 4.13 -20.59 -43.12
C THR B 202 4.71 -19.89 -41.89
N GLN B 203 4.11 -20.13 -40.72
CA GLN B 203 4.65 -19.56 -39.50
C GLN B 203 5.05 -20.61 -38.47
N THR B 204 5.42 -20.14 -37.31
CA THR B 204 6.23 -20.89 -36.37
C THR B 204 5.79 -20.50 -34.97
N TYR B 205 5.39 -21.48 -34.17
CA TYR B 205 4.98 -21.12 -32.83
C TYR B 205 5.86 -21.96 -31.93
N ILE B 206 6.50 -21.20 -31.06
CA ILE B 206 7.35 -21.65 -29.98
C ILE B 206 6.94 -21.13 -28.63
N CYS B 207 7.01 -22.04 -27.69
CA CYS B 207 6.71 -21.87 -26.29
C CYS B 207 8.02 -21.85 -25.50
N ASN B 208 8.23 -20.74 -24.80
CA ASN B 208 9.48 -20.54 -24.10
C ASN B 208 9.08 -20.73 -22.64
N VAL B 209 9.84 -21.61 -21.97
CA VAL B 209 9.59 -21.96 -20.58
C VAL B 209 10.82 -21.72 -19.76
N ASN B 210 10.69 -20.87 -18.74
CA ASN B 210 11.83 -20.73 -17.87
C ASN B 210 11.48 -21.09 -16.41
N HIS B 211 12.31 -21.92 -15.79
CA HIS B 211 12.17 -22.29 -14.40
C HIS B 211 13.49 -21.93 -13.72
N LYS B 212 13.54 -20.76 -13.10
CA LYS B 212 14.82 -20.27 -12.59
C LYS B 212 15.50 -21.09 -11.50
N PRO B 213 14.73 -21.63 -10.52
CA PRO B 213 15.42 -22.37 -9.46
C PRO B 213 16.27 -23.53 -9.95
N SER B 214 15.95 -24.08 -11.12
CA SER B 214 16.69 -25.22 -11.64
C SER B 214 17.49 -24.85 -12.86
N ASN B 215 17.51 -23.57 -13.18
CA ASN B 215 18.23 -23.06 -14.36
C ASN B 215 17.75 -23.76 -15.62
N THR B 216 16.46 -23.73 -15.85
CA THR B 216 15.92 -24.49 -16.93
C THR B 216 15.36 -23.67 -18.09
N LYS B 217 16.19 -23.23 -19.02
CA LYS B 217 15.62 -22.51 -20.17
C LYS B 217 15.38 -23.65 -21.21
N VAL B 218 14.13 -23.78 -21.62
CA VAL B 218 13.64 -24.64 -22.70
C VAL B 218 12.74 -24.02 -23.76
N ASP B 219 13.07 -24.09 -25.06
CA ASP B 219 12.12 -23.47 -25.99
C ASP B 219 11.75 -24.71 -26.85
N LYS B 220 10.44 -24.87 -26.96
CA LYS B 220 9.72 -25.86 -27.78
C LYS B 220 8.78 -25.56 -28.95
N ARG B 221 9.14 -25.93 -30.18
CA ARG B 221 8.22 -25.74 -31.31
C ARG B 221 6.99 -26.66 -31.30
N VAL B 222 5.82 -26.07 -31.23
CA VAL B 222 4.52 -26.72 -31.33
C VAL B 222 4.00 -26.94 -32.76
N GLU B 223 4.25 -28.06 -33.42
CA GLU B 223 3.72 -28.25 -34.78
C GLU B 223 2.57 -29.28 -34.83
N PRO B 224 2.05 -29.59 -36.02
CA PRO B 224 0.98 -30.54 -35.74
C PRO B 224 1.51 -31.95 -36.06
N LYS B 225 1.16 -32.97 -35.28
CA LYS B 225 1.64 -34.33 -35.58
C LYS B 225 1.25 -34.81 -36.97
N SER B 226 2.19 -35.55 -37.54
CA SER B 226 2.04 -36.19 -38.85
C SER B 226 1.04 -37.35 -38.83
N SER C 1 3.38 -4.47 18.71
CA SER C 1 3.12 -3.83 17.41
C SER C 1 1.65 -3.46 17.31
N TYR C 2 1.39 -2.36 16.61
CA TYR C 2 0.04 -1.87 16.33
C TYR C 2 -0.79 -2.87 15.49
N VAL C 3 -2.07 -3.02 15.83
CA VAL C 3 -2.93 -3.98 15.16
C VAL C 3 -4.05 -3.28 14.35
N LEU C 4 -4.23 -3.63 13.08
CA LEU C 4 -5.35 -3.13 12.27
C LEU C 4 -6.32 -4.27 11.94
N THR C 5 -7.59 -4.07 12.22
CA THR C 5 -8.64 -5.09 12.03
C THR C 5 -9.66 -4.72 10.95
N GLN C 6 -9.73 -5.56 9.92
CA GLN C 6 -10.72 -5.46 8.84
C GLN C 6 -11.66 -6.67 8.79
N PRO C 7 -12.92 -6.48 8.34
CA PRO C 7 -13.81 -7.62 8.13
C PRO C 7 -13.31 -8.44 6.97
N PRO C 8 -13.43 -9.76 7.06
CA PRO C 8 -12.89 -10.57 5.98
C PRO C 8 -13.59 -10.36 4.64
N SER C 9 -14.88 -10.02 4.71
CA SER C 9 -15.72 -9.94 3.52
C SER C 9 -16.80 -8.88 3.43
N VAL C 10 -17.00 -8.35 2.22
CA VAL C 10 -18.15 -7.48 1.97
C VAL C 10 -18.76 -7.88 0.61
N SER C 11 -20.08 -7.99 0.53
CA SER C 11 -20.72 -8.28 -0.75
C SER C 11 -21.68 -7.15 -1.15
N VAL C 12 -21.79 -6.88 -2.45
CA VAL C 12 -22.65 -5.79 -2.88
C VAL C 12 -23.17 -6.02 -4.30
N ALA C 13 -24.40 -5.58 -4.55
CA ALA C 13 -25.02 -5.66 -5.86
C ALA C 13 -24.41 -4.54 -6.71
N PRO C 14 -24.32 -4.75 -8.03
CA PRO C 14 -23.71 -3.73 -8.90
C PRO C 14 -24.44 -2.38 -8.86
N GLY C 15 -23.66 -1.31 -8.79
CA GLY C 15 -24.21 0.03 -8.73
C GLY C 15 -24.50 0.53 -7.31
N GLU C 16 -24.47 -0.38 -6.34
CA GLU C 16 -24.70 0.00 -4.94
C GLU C 16 -23.40 0.43 -4.24
N THR C 17 -23.47 0.82 -2.98
CA THR C 17 -22.26 1.27 -2.27
C THR C 17 -21.65 0.31 -1.25
N ALA C 18 -20.39 -0.04 -1.45
CA ALA C 18 -19.65 -0.88 -0.51
C ALA C 18 -18.88 -0.02 0.49
N ARG C 19 -18.91 -0.39 1.78
CA ARG C 19 -18.11 0.28 2.83
C ARG C 19 -17.24 -0.70 3.59
N ILE C 20 -15.95 -0.45 3.59
CA ILE C 20 -14.99 -1.30 4.29
C ILE C 20 -14.33 -0.56 5.45
N SER C 21 -14.53 -1.06 6.67
CA SER C 21 -14.05 -0.41 7.90
C SER C 21 -12.63 -0.86 8.30
N CYS C 22 -11.89 -0.03 9.02
CA CYS C 22 -10.56 -0.42 9.47
C CYS C 22 -10.39 0.12 10.91
N GLY C 23 -10.42 -0.81 11.87
CA GLY C 23 -10.38 -0.53 13.29
C GLY C 23 -8.97 -0.65 13.85
N GLY C 24 -8.66 0.23 14.79
CA GLY C 24 -7.40 0.26 15.51
C GLY C 24 -7.59 1.18 16.69
N ASN C 25 -6.88 0.95 17.80
CA ASN C 25 -7.00 1.83 18.96
C ASN C 25 -6.59 3.28 18.63
N ASN C 26 -7.50 4.24 18.81
CA ASN C 26 -7.19 5.65 18.46
C ASN C 26 -6.71 5.84 17.05
N ILE C 27 -7.31 5.08 16.16
CA ILE C 27 -6.94 5.11 14.74
C ILE C 27 -7.13 6.54 14.17
N GLY C 28 -7.97 7.35 14.80
CA GLY C 28 -8.18 8.72 14.35
C GLY C 28 -6.92 9.56 14.48
N THR C 29 -5.98 9.11 15.32
CA THR C 29 -4.72 9.82 15.49
C THR C 29 -3.68 9.49 14.45
N LYS C 30 -3.92 8.45 13.64
CA LYS C 30 -2.98 8.06 12.59
C LYS C 30 -3.58 8.36 11.22
N VAL C 31 -2.73 8.61 10.21
CA VAL C 31 -3.18 8.70 8.83
C VAL C 31 -3.32 7.33 8.13
N LEU C 32 -4.35 7.16 7.32
CA LEU C 32 -4.60 5.86 6.74
C LEU C 32 -4.51 5.85 5.24
N HIS C 33 -3.99 4.72 4.73
CA HIS C 33 -3.84 4.55 3.31
C HIS C 33 -4.51 3.23 2.96
N TRP C 34 -4.94 3.11 1.73
CA TRP C 34 -5.69 1.94 1.32
C TRP C 34 -5.16 1.45 0.01
N TYR C 35 -5.15 0.13 -0.14
CA TYR C 35 -4.67 -0.53 -1.36
C TYR C 35 -5.70 -1.48 -1.93
N GLN C 36 -5.74 -1.55 -3.27
CA GLN C 36 -6.57 -2.51 -3.98
C GLN C 36 -5.70 -3.60 -4.65
N GLN C 37 -6.08 -4.86 -4.49
CA GLN C 37 -5.36 -5.93 -5.17
C GLN C 37 -6.35 -6.89 -5.85
N THR C 38 -6.17 -6.95 -7.15
CA THR C 38 -6.90 -7.77 -8.09
C THR C 38 -6.20 -9.10 -8.21
N PRO C 39 -6.95 -10.20 -8.30
CA PRO C 39 -6.35 -11.54 -8.50
C PRO C 39 -5.17 -11.51 -9.49
N GLY C 40 -4.00 -11.96 -9.05
CA GLY C 40 -2.84 -12.08 -9.95
C GLY C 40 -1.94 -10.84 -10.09
N GLN C 41 -2.30 -9.74 -9.43
CA GLN C 41 -1.53 -8.51 -9.59
C GLN C 41 -1.02 -7.90 -8.30
N ALA C 42 -0.07 -6.99 -8.46
CA ALA C 42 0.48 -6.24 -7.36
C ALA C 42 -0.60 -5.31 -6.74
N PRO C 43 -0.52 -5.06 -5.43
CA PRO C 43 -1.48 -4.06 -4.95
C PRO C 43 -1.34 -2.69 -5.63
N VAL C 44 -2.43 -1.93 -5.64
CA VAL C 44 -2.46 -0.59 -6.23
C VAL C 44 -2.98 0.36 -5.14
N LEU C 45 -2.29 1.48 -4.96
CA LEU C 45 -2.71 2.52 -4.02
C LEU C 45 -4.01 3.19 -4.50
N VAL C 46 -5.06 3.16 -3.69
CA VAL C 46 -6.32 3.83 -4.05
C VAL C 46 -6.66 5.05 -3.20
N VAL C 47 -6.18 5.08 -1.95
CA VAL C 47 -6.37 6.24 -1.07
C VAL C 47 -5.11 6.42 -0.25
N TYR C 48 -4.66 7.67 -0.08
CA TYR C 48 -3.57 7.93 0.85
C TYR C 48 -3.95 9.15 1.74
N ASP C 49 -3.26 9.30 2.88
CA ASP C 49 -3.46 10.42 3.81
C ASP C 49 -4.92 10.54 4.20
N ASP C 50 -5.51 9.41 4.60
CA ASP C 50 -6.91 9.26 5.02
C ASP C 50 -7.93 9.36 3.89
N SER C 51 -7.78 10.34 3.01
CA SER C 51 -8.89 10.73 2.13
C SER C 51 -8.49 11.26 0.74
N ASP C 52 -7.20 11.25 0.41
CA ASP C 52 -6.76 11.75 -0.90
C ASP C 52 -6.67 10.61 -1.94
N ARG C 53 -6.95 10.94 -3.21
CA ARG C 53 -6.89 9.92 -4.27
C ARG C 53 -5.73 10.15 -5.19
N PRO C 54 -5.00 9.06 -5.48
CA PRO C 54 -3.96 9.16 -6.50
C PRO C 54 -4.58 9.51 -7.83
N SER C 55 -3.79 10.12 -8.70
CA SER C 55 -4.23 10.44 -10.03
C SER C 55 -4.60 9.16 -10.76
N GLY C 56 -5.75 9.17 -11.43
CA GLY C 56 -6.14 8.00 -12.22
C GLY C 56 -7.12 7.09 -11.52
N ILE C 57 -7.23 7.27 -10.22
CA ILE C 57 -8.18 6.51 -9.42
C ILE C 57 -9.57 7.13 -9.51
N PRO C 58 -10.59 6.31 -9.83
CA PRO C 58 -11.95 6.85 -10.00
C PRO C 58 -12.43 7.56 -8.75
N GLU C 59 -13.22 8.60 -8.97
CA GLU C 59 -13.77 9.41 -7.90
C GLU C 59 -14.71 8.60 -6.99
N ARG C 60 -15.12 7.43 -7.50
CA ARG C 60 -15.90 6.48 -6.71
C ARG C 60 -15.21 5.98 -5.44
N PHE C 61 -13.87 6.03 -5.41
CA PHE C 61 -13.14 5.59 -4.23
C PHE C 61 -12.83 6.74 -3.28
N SER C 62 -13.34 6.68 -2.05
CA SER C 62 -13.04 7.73 -1.11
C SER C 62 -12.75 7.09 0.25
N GLY C 63 -12.08 7.83 1.10
CA GLY C 63 -11.66 7.29 2.38
C GLY C 63 -12.03 8.33 3.41
N SER C 64 -12.19 7.84 4.63
CA SER C 64 -12.50 8.65 5.81
C SER C 64 -11.86 8.11 7.05
N ASN C 65 -11.75 8.96 8.05
CA ASN C 65 -11.09 8.61 9.29
C ASN C 65 -11.70 9.57 10.30
N SER C 66 -13.04 9.60 10.28
CA SER C 66 -13.86 10.29 11.26
C SER C 66 -14.75 9.24 11.90
N GLY C 67 -15.19 9.50 13.13
CA GLY C 67 -15.73 8.45 13.97
C GLY C 67 -14.50 7.67 14.39
N ASN C 68 -14.64 6.47 14.94
CA ASN C 68 -13.42 5.70 15.20
C ASN C 68 -13.30 4.28 14.67
N THR C 69 -13.89 4.06 13.50
CA THR C 69 -13.28 3.20 12.49
C THR C 69 -13.11 4.03 11.22
N ALA C 70 -11.94 3.92 10.57
CA ALA C 70 -11.76 4.57 9.29
C ALA C 70 -12.47 3.72 8.25
N THR C 71 -12.78 4.33 7.11
CA THR C 71 -13.57 3.64 6.11
C THR C 71 -13.15 3.91 4.67
N LEU C 72 -13.04 2.83 3.89
CA LEU C 72 -12.94 2.97 2.44
C LEU C 72 -14.36 2.80 1.89
N THR C 73 -14.81 3.79 1.14
CA THR C 73 -16.16 3.76 0.59
C THR C 73 -16.08 3.65 -0.92
N ILE C 74 -16.77 2.67 -1.50
CA ILE C 74 -16.77 2.54 -2.94
C ILE C 74 -18.17 2.70 -3.51
N SER C 75 -18.40 3.84 -4.14
CA SER C 75 -19.68 4.18 -4.73
C SER C 75 -19.86 3.52 -6.09
N ARG C 76 -21.11 3.29 -6.47
CA ARG C 76 -21.42 2.71 -7.78
C ARG C 76 -20.55 1.51 -8.18
N VAL C 77 -20.54 0.48 -7.33
CA VAL C 77 -19.65 -0.65 -7.53
C VAL C 77 -19.81 -1.32 -8.90
N GLU C 78 -18.69 -1.66 -9.50
CA GLU C 78 -18.69 -2.34 -10.78
C GLU C 78 -18.06 -3.70 -10.55
N VAL C 79 -18.37 -4.66 -11.41
CA VAL C 79 -17.78 -5.99 -11.29
C VAL C 79 -16.24 -5.94 -11.33
N GLY C 80 -15.70 -5.00 -12.11
CA GLY C 80 -14.26 -4.80 -12.18
C GLY C 80 -13.63 -4.45 -10.85
N ASP C 81 -14.44 -4.07 -9.85
CA ASP C 81 -13.97 -3.74 -8.50
C ASP C 81 -13.75 -4.94 -7.57
N GLU C 82 -14.07 -6.15 -8.01
CA GLU C 82 -13.81 -7.33 -7.19
C GLU C 82 -12.31 -7.45 -6.90
N ALA C 83 -11.95 -7.57 -5.61
CA ALA C 83 -10.54 -7.49 -5.21
C ALA C 83 -10.40 -7.64 -3.72
N ASP C 84 -9.16 -7.75 -3.26
CA ASP C 84 -8.89 -7.67 -1.82
C ASP C 84 -8.48 -6.22 -1.53
N TYR C 85 -9.01 -5.64 -0.45
CA TYR C 85 -8.67 -4.26 -0.12
C TYR C 85 -7.95 -4.22 1.21
N TYR C 86 -6.84 -3.52 1.27
CA TYR C 86 -6.07 -3.47 2.49
C TYR C 86 -5.94 -2.06 2.99
N CYS C 87 -6.15 -1.86 4.29
CA CYS C 87 -5.79 -0.61 4.94
C CYS C 87 -4.39 -0.69 5.56
N GLN C 88 -3.78 0.47 5.77
CA GLN C 88 -2.40 0.55 6.24
C GLN C 88 -2.13 1.86 6.96
N VAL C 89 -1.39 1.80 8.07
CA VAL C 89 -0.99 3.01 8.77
C VAL C 89 0.49 2.89 9.04
N TRP C 90 1.10 4.01 9.41
CA TRP C 90 2.45 4.00 9.94
C TRP C 90 2.43 4.26 11.46
N ASP C 91 2.98 3.36 12.25
CA ASP C 91 3.00 3.51 13.71
C ASP C 91 4.26 4.29 14.16
N ILE C 92 4.09 5.55 14.57
CA ILE C 92 5.25 6.35 14.94
C ILE C 92 5.93 5.93 16.25
N SER C 93 5.19 5.27 17.15
CA SER C 93 5.81 4.85 18.40
C SER C 93 6.80 3.69 18.22
N THR C 94 6.70 2.95 17.10
CA THR C 94 7.58 1.79 16.90
C THR C 94 8.26 1.75 15.52
N ASP C 95 8.09 2.82 14.74
CA ASP C 95 8.76 2.98 13.45
C ASP C 95 8.59 1.85 12.42
N GLN C 96 7.35 1.48 12.17
CA GLN C 96 7.00 0.46 11.17
C GLN C 96 5.66 0.68 10.51
N ALA C 97 5.50 0.12 9.30
CA ALA C 97 4.22 0.14 8.60
C ALA C 97 3.47 -1.15 9.00
N VAL C 98 2.17 -1.03 9.24
CA VAL C 98 1.29 -2.14 9.57
C VAL C 98 0.16 -2.21 8.56
N PHE C 99 -0.19 -3.42 8.10
CA PHE C 99 -1.37 -3.63 7.25
C PHE C 99 -2.49 -4.30 8.04
N GLY C 100 -3.74 -3.97 7.71
CA GLY C 100 -4.88 -4.80 8.09
C GLY C 100 -4.86 -6.15 7.36
N GLY C 101 -5.76 -7.06 7.74
CA GLY C 101 -5.72 -8.42 7.25
C GLY C 101 -6.38 -8.61 5.89
N GLY C 102 -6.99 -7.55 5.36
CA GLY C 102 -7.64 -7.58 4.06
C GLY C 102 -9.13 -7.88 4.02
N THR C 103 -9.82 -7.25 3.10
CA THR C 103 -11.25 -7.53 2.91
C THR C 103 -11.53 -7.92 1.46
N LYS C 104 -12.14 -9.08 1.22
CA LYS C 104 -12.52 -9.43 -0.14
C LYS C 104 -13.87 -8.86 -0.56
N LEU C 105 -13.87 -8.08 -1.62
CA LEU C 105 -15.10 -7.55 -2.17
C LEU C 105 -15.66 -8.48 -3.28
N THR C 106 -16.89 -8.94 -3.09
CA THR C 106 -17.61 -9.73 -4.09
C THR C 106 -18.75 -8.93 -4.71
N VAL C 107 -18.89 -8.95 -6.03
CA VAL C 107 -20.06 -8.32 -6.63
C VAL C 107 -21.12 -9.35 -7.05
N LEU C 108 -22.31 -9.21 -6.45
CA LEU C 108 -23.42 -10.15 -6.62
C LEU C 108 -24.18 -10.01 -7.94
N GLY C 109 -25.07 -10.96 -8.27
CA GLY C 109 -25.89 -10.74 -9.45
C GLY C 109 -25.29 -11.14 -10.79
N GLN C 110 -24.04 -11.57 -10.78
CA GLN C 110 -23.38 -11.93 -12.03
C GLN C 110 -23.95 -13.18 -12.67
N PRO C 111 -24.17 -13.10 -13.98
CA PRO C 111 -24.86 -14.09 -14.79
C PRO C 111 -23.98 -15.33 -14.90
N LYS C 112 -24.63 -16.48 -15.03
CA LYS C 112 -23.97 -17.73 -15.29
C LYS C 112 -23.24 -17.71 -16.64
N ALA C 113 -22.05 -18.30 -16.70
CA ALA C 113 -21.29 -18.44 -17.93
C ALA C 113 -20.76 -19.87 -17.99
N ALA C 114 -21.08 -20.60 -19.05
CA ALA C 114 -20.61 -21.98 -19.18
C ALA C 114 -19.13 -22.02 -19.51
N PRO C 115 -18.42 -23.06 -19.03
CA PRO C 115 -16.98 -23.23 -19.24
C PRO C 115 -16.68 -23.51 -20.69
N SER C 116 -15.56 -23.01 -21.19
CA SER C 116 -14.97 -23.47 -22.44
C SER C 116 -13.98 -24.59 -22.15
N VAL C 117 -14.07 -25.69 -22.90
CA VAL C 117 -13.22 -26.85 -22.62
C VAL C 117 -12.36 -27.19 -23.82
N THR C 118 -11.06 -27.27 -23.57
CA THR C 118 -10.11 -27.77 -24.54
C THR C 118 -9.37 -28.99 -23.96
N LEU C 119 -9.40 -30.09 -24.73
CA LEU C 119 -8.78 -31.36 -24.34
C LEU C 119 -7.69 -31.75 -25.33
N PHE C 120 -6.49 -32.00 -24.81
CA PHE C 120 -5.33 -32.42 -25.60
C PHE C 120 -4.96 -33.87 -25.32
N PRO C 121 -4.60 -34.65 -26.39
CA PRO C 121 -4.12 -36.01 -26.14
C PRO C 121 -2.63 -35.90 -25.74
N PRO C 122 -2.02 -37.00 -25.30
CA PRO C 122 -0.58 -37.06 -25.01
C PRO C 122 0.21 -36.74 -26.25
N SER C 123 1.32 -36.03 -26.10
CA SER C 123 2.22 -35.79 -27.23
C SER C 123 2.99 -37.07 -27.62
N SER C 124 3.45 -37.13 -28.86
CA SER C 124 4.35 -38.20 -29.29
C SER C 124 5.61 -38.26 -28.42
N GLU C 125 6.18 -37.10 -28.08
CA GLU C 125 7.41 -37.06 -27.28
C GLU C 125 7.18 -37.72 -25.94
N GLU C 126 6.04 -37.44 -25.33
CA GLU C 126 5.74 -38.02 -24.04
C GLU C 126 5.51 -39.51 -24.15
N LEU C 127 4.77 -39.94 -25.17
CA LEU C 127 4.57 -41.39 -25.41
C LEU C 127 5.90 -42.07 -25.62
N GLN C 128 6.79 -41.38 -26.35
CA GLN C 128 8.14 -41.90 -26.61
C GLN C 128 8.92 -42.16 -25.32
N ALA C 129 8.64 -41.37 -24.29
CA ALA C 129 9.28 -41.51 -22.99
C ALA C 129 8.53 -42.47 -22.06
N ASN C 130 7.60 -43.24 -22.61
CA ASN C 130 6.88 -44.24 -21.79
C ASN C 130 5.95 -43.58 -20.74
N LYS C 131 5.41 -42.40 -21.07
CA LYS C 131 4.46 -41.74 -20.17
C LYS C 131 3.31 -41.23 -21.01
N ALA C 132 2.25 -40.80 -20.36
CA ALA C 132 1.10 -40.31 -21.11
C ALA C 132 0.26 -39.44 -20.21
N THR C 133 -0.06 -38.22 -20.66
CA THR C 133 -0.90 -37.29 -19.88
C THR C 133 -1.99 -36.69 -20.76
N LEU C 134 -3.24 -36.82 -20.33
CA LEU C 134 -4.33 -36.10 -20.98
C LEU C 134 -4.55 -34.77 -20.27
N VAL C 135 -4.77 -33.70 -21.03
CA VAL C 135 -4.84 -32.36 -20.46
C VAL C 135 -6.17 -31.69 -20.78
N CYS C 136 -6.96 -31.45 -19.73
CA CYS C 136 -8.27 -30.84 -19.86
C CYS C 136 -8.28 -29.43 -19.30
N LEU C 137 -8.41 -28.44 -20.17
CA LEU C 137 -8.34 -27.04 -19.77
C LEU C 137 -9.70 -26.39 -19.81
N ILE C 138 -10.05 -25.75 -18.71
CA ILE C 138 -11.41 -25.29 -18.51
C ILE C 138 -11.41 -23.77 -18.20
N SER C 139 -12.07 -22.96 -19.02
CA SER C 139 -11.96 -21.54 -18.78
C SER C 139 -13.26 -20.75 -18.94
N ASP C 140 -13.21 -19.50 -18.49
CA ASP C 140 -14.28 -18.54 -18.73
C ASP C 140 -15.62 -18.96 -18.13
N PHE C 141 -15.59 -19.65 -17.00
CA PHE C 141 -16.84 -20.04 -16.34
C PHE C 141 -17.18 -19.21 -15.09
N TYR C 142 -18.48 -19.07 -14.80
CA TYR C 142 -18.99 -18.37 -13.61
C TYR C 142 -20.36 -18.90 -13.23
N PRO C 143 -20.59 -19.19 -11.94
CA PRO C 143 -19.76 -19.10 -10.73
C PRO C 143 -18.61 -20.09 -10.74
N GLY C 144 -17.73 -19.98 -9.74
CA GLY C 144 -16.47 -20.66 -9.74
C GLY C 144 -16.47 -22.08 -9.16
N ALA C 145 -17.30 -22.98 -9.70
CA ALA C 145 -17.14 -24.37 -9.30
C ALA C 145 -17.52 -25.33 -10.42
N VAL C 146 -16.68 -26.34 -10.59
CA VAL C 146 -16.97 -27.44 -11.49
C VAL C 146 -16.61 -28.75 -10.86
N THR C 147 -17.14 -29.83 -11.44
CA THR C 147 -16.67 -31.19 -11.18
C THR C 147 -16.22 -31.79 -12.51
N VAL C 148 -15.17 -32.61 -12.47
CA VAL C 148 -14.63 -33.19 -13.69
C VAL C 148 -14.72 -34.69 -13.60
N ALA C 149 -15.23 -35.31 -14.66
CA ALA C 149 -15.26 -36.74 -14.68
C ALA C 149 -14.55 -37.18 -15.95
N TRP C 150 -13.79 -38.26 -15.83
CA TRP C 150 -13.11 -38.79 -16.98
C TRP C 150 -13.65 -40.16 -17.35
N LYS C 151 -13.59 -40.45 -18.64
CA LYS C 151 -13.94 -41.76 -19.17
C LYS C 151 -12.93 -42.29 -20.14
N ALA C 152 -12.76 -43.60 -20.02
CA ALA C 152 -12.05 -44.45 -20.94
C ALA C 152 -13.15 -45.17 -21.69
N ASP C 153 -13.25 -44.87 -22.99
CA ASP C 153 -14.41 -45.19 -23.80
C ASP C 153 -15.66 -44.63 -23.12
N SER C 154 -16.43 -45.54 -22.50
CA SER C 154 -17.63 -45.15 -21.77
C SER C 154 -17.57 -45.44 -20.26
N SER C 155 -16.47 -46.06 -19.84
CA SER C 155 -16.25 -46.41 -18.44
C SER C 155 -15.59 -45.26 -17.66
N PRO C 156 -15.84 -45.18 -16.35
CA PRO C 156 -15.32 -44.08 -15.54
C PRO C 156 -13.97 -44.39 -14.93
N VAL C 157 -12.98 -43.55 -15.18
CA VAL C 157 -11.67 -43.75 -14.56
C VAL C 157 -11.56 -42.67 -13.49
N LYS C 158 -11.00 -43.05 -12.34
CA LYS C 158 -10.74 -42.13 -11.25
C LYS C 158 -9.28 -42.09 -10.80
N ALA C 159 -8.60 -43.22 -11.02
CA ALA C 159 -7.16 -43.34 -10.78
C ALA C 159 -6.34 -42.43 -11.69
N GLY C 160 -5.35 -41.74 -11.14
CA GLY C 160 -4.48 -40.94 -11.98
C GLY C 160 -4.97 -39.54 -12.30
N VAL C 161 -6.05 -39.12 -11.65
CA VAL C 161 -6.60 -37.80 -11.90
C VAL C 161 -6.16 -36.69 -10.91
N GLU C 162 -5.72 -35.57 -11.46
CA GLU C 162 -5.41 -34.38 -10.69
C GLU C 162 -6.07 -33.16 -11.30
N THR C 163 -6.88 -32.52 -10.48
CA THR C 163 -7.69 -31.38 -10.87
C THR C 163 -7.43 -30.19 -9.92
N THR C 164 -7.28 -28.98 -10.45
CA THR C 164 -7.04 -27.81 -9.61
C THR C 164 -8.32 -27.26 -8.96
N THR C 165 -8.24 -26.44 -7.90
CA THR C 165 -9.48 -25.75 -7.57
C THR C 165 -9.65 -24.65 -8.64
N PRO C 166 -10.85 -24.12 -8.85
CA PRO C 166 -10.85 -22.99 -9.79
C PRO C 166 -10.35 -21.66 -9.21
N SER C 167 -9.62 -20.86 -9.99
CA SER C 167 -9.20 -19.55 -9.50
C SER C 167 -9.63 -18.44 -10.47
N LYS C 168 -9.90 -17.26 -9.92
CA LYS C 168 -10.37 -16.10 -10.67
C LYS C 168 -9.36 -15.62 -11.70
N GLN C 169 -9.87 -15.35 -12.91
CA GLN C 169 -9.08 -15.09 -14.13
C GLN C 169 -8.78 -13.62 -14.44
N SER C 170 -9.09 -12.74 -13.51
CA SER C 170 -8.98 -11.28 -13.70
C SER C 170 -10.00 -10.66 -14.67
N ASN C 171 -10.60 -11.46 -15.57
CA ASN C 171 -11.82 -11.03 -16.24
C ASN C 171 -13.03 -11.39 -15.37
N ASN C 172 -12.71 -11.84 -14.15
CA ASN C 172 -13.66 -12.16 -13.08
C ASN C 172 -14.38 -13.50 -13.25
N LYS C 173 -14.13 -14.17 -14.36
CA LYS C 173 -14.52 -15.56 -14.57
C LYS C 173 -13.43 -16.43 -13.95
N TYR C 174 -13.58 -17.74 -14.06
CA TYR C 174 -12.68 -18.67 -13.42
C TYR C 174 -12.06 -19.65 -14.39
N ALA C 175 -10.93 -20.20 -13.97
CA ALA C 175 -10.27 -21.20 -14.77
C ALA C 175 -9.92 -22.39 -13.89
N ALA C 176 -9.78 -23.55 -14.51
CA ALA C 176 -9.31 -24.74 -13.80
C ALA C 176 -8.74 -25.68 -14.82
N SER C 177 -8.02 -26.68 -14.35
CA SER C 177 -7.50 -27.71 -15.25
C SER C 177 -7.53 -29.08 -14.62
N SER C 178 -7.56 -30.12 -15.47
CA SER C 178 -7.58 -31.48 -14.96
C SER C 178 -6.60 -32.31 -15.80
N TYR C 179 -5.81 -33.15 -15.14
CA TYR C 179 -4.83 -33.95 -15.83
C TYR C 179 -5.12 -35.43 -15.54
N LEU C 180 -5.06 -36.24 -16.58
CA LEU C 180 -5.18 -37.68 -16.40
C LEU C 180 -3.89 -38.37 -16.83
N SER C 181 -3.23 -39.04 -15.90
CA SER C 181 -2.02 -39.79 -16.20
C SER C 181 -2.38 -41.24 -16.53
N LEU C 182 -1.90 -41.72 -17.68
CA LEU C 182 -2.14 -43.08 -18.17
C LEU C 182 -0.83 -43.73 -18.58
N THR C 183 -0.84 -45.05 -18.74
CA THR C 183 0.28 -45.65 -19.43
C THR C 183 0.03 -45.49 -20.93
N PRO C 184 1.10 -45.51 -21.71
CA PRO C 184 0.89 -45.52 -23.14
C PRO C 184 0.00 -46.69 -23.60
N GLU C 185 0.11 -47.85 -22.96
CA GLU C 185 -0.76 -48.97 -23.34
C GLU C 185 -2.25 -48.67 -23.06
N GLN C 186 -2.57 -48.05 -21.93
CA GLN C 186 -3.96 -47.70 -21.64
C GLN C 186 -4.45 -46.71 -22.69
N TRP C 187 -3.63 -45.73 -23.04
CA TRP C 187 -4.00 -44.78 -24.07
C TRP C 187 -4.33 -45.43 -25.41
N LYS C 188 -3.49 -46.37 -25.82
CA LYS C 188 -3.66 -46.97 -27.14
C LYS C 188 -4.75 -48.04 -27.18
N SER C 189 -5.07 -48.60 -26.03
CA SER C 189 -5.92 -49.80 -25.96
C SER C 189 -7.40 -49.43 -25.95
N HIS C 190 -7.70 -48.14 -25.84
CA HIS C 190 -9.09 -47.69 -25.79
C HIS C 190 -9.31 -46.90 -27.07
N ARG C 191 -10.56 -46.88 -27.48
CA ARG C 191 -11.00 -46.08 -28.61
C ARG C 191 -10.97 -44.58 -28.43
N SER C 192 -11.24 -44.11 -27.21
CA SER C 192 -11.24 -42.69 -26.96
C SER C 192 -11.23 -42.47 -25.46
N TYR C 193 -10.87 -41.25 -25.05
CA TYR C 193 -11.04 -40.77 -23.68
C TYR C 193 -11.80 -39.49 -23.74
N SER C 194 -12.60 -39.23 -22.70
CA SER C 194 -13.40 -38.02 -22.64
C SER C 194 -13.22 -37.28 -21.30
N CYS C 195 -13.18 -35.95 -21.36
CA CYS C 195 -13.21 -35.11 -20.18
C CYS C 195 -14.59 -34.43 -20.14
N GLN C 196 -15.34 -34.66 -19.06
CA GLN C 196 -16.69 -34.12 -18.92
C GLN C 196 -16.76 -33.15 -17.75
N VAL C 197 -17.11 -31.91 -18.07
CA VAL C 197 -17.09 -30.87 -17.08
C VAL C 197 -18.52 -30.47 -16.74
N THR C 198 -18.93 -30.67 -15.50
CA THR C 198 -20.26 -30.28 -15.09
C THR C 198 -20.18 -28.95 -14.34
N HIS C 199 -21.02 -28.01 -14.79
CA HIS C 199 -21.08 -26.66 -14.27
C HIS C 199 -22.53 -26.29 -14.19
N GLU C 200 -23.01 -26.01 -12.98
CA GLU C 200 -24.39 -25.63 -12.72
C GLU C 200 -25.40 -26.53 -13.39
N GLY C 201 -25.21 -27.84 -13.25
CA GLY C 201 -26.17 -28.79 -13.76
C GLY C 201 -25.97 -29.14 -15.23
N SER C 202 -25.10 -28.41 -15.93
CA SER C 202 -24.86 -28.68 -17.35
C SER C 202 -23.47 -29.25 -17.61
N THR C 203 -23.42 -30.31 -18.40
CA THR C 203 -22.14 -30.96 -18.68
C THR C 203 -21.60 -30.62 -20.06
N VAL C 204 -20.37 -30.12 -20.10
CA VAL C 204 -19.67 -29.92 -21.36
C VAL C 204 -18.61 -31.02 -21.57
N GLU C 205 -18.71 -31.78 -22.67
CA GLU C 205 -17.78 -32.89 -22.91
C GLU C 205 -16.90 -32.74 -24.17
N LYS C 206 -15.62 -33.08 -24.03
CA LYS C 206 -14.65 -33.20 -25.16
C LYS C 206 -13.99 -34.56 -25.13
N THR C 207 -13.66 -35.05 -26.32
CA THR C 207 -13.17 -36.40 -26.51
C THR C 207 -11.93 -36.41 -27.41
N VAL C 208 -10.94 -37.24 -27.12
CA VAL C 208 -9.78 -37.42 -27.99
C VAL C 208 -9.52 -38.91 -28.19
N ALA C 209 -8.82 -39.21 -29.28
CA ALA C 209 -8.60 -40.59 -29.66
C ALA C 209 -7.19 -40.71 -30.23
N PRO C 210 -6.57 -41.91 -30.12
CA PRO C 210 -5.26 -42.17 -30.71
C PRO C 210 -5.26 -41.91 -32.22
N THR C 211 -4.23 -41.21 -32.70
CA THR C 211 -4.14 -40.82 -34.11
C THR C 211 -3.85 -41.93 -35.14
N GLU C 212 -2.89 -42.80 -34.84
CA GLU C 212 -2.32 -43.77 -35.81
C GLU C 212 -1.29 -43.13 -36.74
#